data_4IZI
#
_entry.id   4IZI
#
_cell.length_a   85.794
_cell.length_b   85.794
_cell.length_c   146.659
_cell.angle_alpha   90.00
_cell.angle_beta   90.00
_cell.angle_gamma   90.00
#
_symmetry.space_group_name_H-M   'P 43'
#
loop_
_entity.id
_entity.type
_entity.pdbx_description
1 polymer 'NAD/NADP transhydrogenase alpha subunit 1'
2 non-polymer GLYCEROL
3 water water
#
_entity_poly.entity_id   1
_entity_poly.type   'polypeptide(L)'
_entity_poly.pdbx_seq_one_letter_code
;HHHHHHMVTVAVPKERAPGERRVALVPEVVARLVKGGARVRVERGAGEGAYHPDEAYQEAGAEVVERGELLKGAHLLFTV
QPPPEDLIQALEPGAIVVGFVQPHKNLELVRALQAKKATVIAMELIPRITRAQSMDALSSQATVAGYLAAIHAARLSPRF
FPMLTTAAGTIRPAKVMVMGVGVAGLMAIATAKRLGAQVFAYDVRKAALEQALSLGAKPIELPISAEGEGGYARELTEEE
KRIQHEALRDHVAGMDVLITTAQVPGRRAPILLTEDMVERLKPGTVVVDLAAESGGNCVLTKPGEVVEVRGVRVYGPLNL
PSELSVHASEMYAKNLYNLSSLLIEKGAFAPKWEDEIVRAALLMKEGEVLHGPTKALLGGA
;
_entity_poly.pdbx_strand_id   A,B
#
loop_
_chem_comp.id
_chem_comp.type
_chem_comp.name
_chem_comp.formula
GOL non-polymer GLYCEROL 'C3 H8 O3'
#
# COMPACT_ATOMS: atom_id res chain seq x y z
N VAL A 8 11.94 -35.16 22.69
CA VAL A 8 11.13 -34.89 21.46
C VAL A 8 11.94 -34.24 20.35
N THR A 9 11.70 -34.69 19.13
CA THR A 9 12.28 -34.04 17.95
C THR A 9 11.15 -33.47 17.05
N VAL A 10 11.29 -32.20 16.70
CA VAL A 10 10.26 -31.43 15.95
C VAL A 10 10.79 -31.08 14.55
N ALA A 11 10.08 -31.51 13.51
CA ALA A 11 10.46 -31.21 12.12
C ALA A 11 9.77 -29.94 11.53
N VAL A 12 10.49 -29.18 10.72
CA VAL A 12 9.94 -27.99 10.08
C VAL A 12 10.31 -27.96 8.60
N PRO A 13 9.30 -28.14 7.74
CA PRO A 13 9.52 -28.19 6.28
C PRO A 13 9.62 -26.80 5.61
N LYS A 14 10.20 -26.77 4.41
CA LYS A 14 10.06 -25.63 3.53
C LYS A 14 8.69 -25.75 2.89
N GLU A 15 7.88 -24.70 2.98
CA GLU A 15 6.53 -24.75 2.41
C GLU A 15 6.60 -24.79 0.89
N ARG A 16 5.66 -25.50 0.27
CA ARG A 16 5.68 -25.72 -1.20
C ARG A 16 4.48 -25.16 -1.95
N ALA A 17 3.31 -25.15 -1.30
CA ALA A 17 2.11 -24.51 -1.87
C ALA A 17 2.54 -23.28 -2.69
N PRO A 18 1.97 -23.09 -3.88
CA PRO A 18 2.41 -21.95 -4.73
C PRO A 18 2.17 -20.61 -4.01
N GLY A 19 3.19 -19.74 -3.99
CA GLY A 19 3.09 -18.45 -3.32
C GLY A 19 3.12 -18.38 -1.79
N GLU A 20 3.18 -19.54 -1.12
CA GLU A 20 3.33 -19.58 0.34
C GLU A 20 4.77 -19.20 0.76
N ARG A 21 4.91 -18.19 1.62
CA ARG A 21 6.24 -17.71 2.02
C ARG A 21 6.49 -17.88 3.50
N ARG A 22 5.47 -18.27 4.26
CA ARG A 22 5.61 -18.43 5.71
C ARG A 22 6.41 -19.68 6.11
N VAL A 23 6.91 -19.68 7.34
CA VAL A 23 7.67 -20.81 7.88
C VAL A 23 7.05 -21.17 9.24
N ALA A 24 6.88 -22.46 9.51
CA ALA A 24 6.12 -22.86 10.68
C ALA A 24 6.74 -22.43 11.99
N LEU A 25 8.07 -22.43 12.04
CA LEU A 25 8.81 -21.87 13.20
C LEU A 25 9.90 -20.90 12.74
N VAL A 26 10.15 -19.88 13.55
CA VAL A 26 11.23 -18.95 13.31
C VAL A 26 12.41 -19.15 14.35
N PRO A 27 13.63 -18.73 13.99
CA PRO A 27 14.83 -18.95 14.86
C PRO A 27 14.64 -18.64 16.35
N GLU A 28 14.11 -17.47 16.69
CA GLU A 28 13.90 -17.10 18.09
C GLU A 28 13.06 -18.17 18.82
N VAL A 29 11.96 -18.61 18.19
CA VAL A 29 11.11 -19.62 18.78
C VAL A 29 11.85 -20.98 18.90
N VAL A 30 12.60 -21.32 17.86
CA VAL A 30 13.39 -22.55 17.83
C VAL A 30 14.34 -22.63 19.04
N ALA A 31 15.08 -21.56 19.28
CA ALA A 31 15.91 -21.42 20.45
C ALA A 31 15.19 -21.83 21.72
N ARG A 32 14.00 -21.28 21.93
CA ARG A 32 13.24 -21.59 23.15
C ARG A 32 12.88 -23.06 23.27
N LEU A 33 12.57 -23.70 22.15
CA LEU A 33 12.26 -25.13 22.15
C LEU A 33 13.50 -25.93 22.52
N VAL A 34 14.65 -25.50 22.01
CA VAL A 34 15.92 -26.15 22.29
C VAL A 34 16.33 -25.98 23.77
N LYS A 35 16.32 -24.73 24.24
CA LYS A 35 16.59 -24.40 25.63
C LYS A 35 15.68 -25.16 26.62
N GLY A 36 14.55 -25.69 26.14
CA GLY A 36 13.63 -26.46 26.99
C GLY A 36 13.83 -27.96 26.89
N GLY A 37 14.87 -28.36 26.14
CA GLY A 37 15.23 -29.77 26.00
C GLY A 37 14.75 -30.47 24.75
N ALA A 38 14.07 -29.75 23.87
CA ALA A 38 13.59 -30.31 22.59
C ALA A 38 14.68 -30.25 21.54
N ARG A 39 14.57 -31.10 20.52
CA ARG A 39 15.38 -30.95 19.32
C ARG A 39 14.59 -30.68 18.03
N VAL A 40 15.16 -29.84 17.18
CA VAL A 40 14.48 -29.34 15.99
C VAL A 40 15.31 -29.54 14.73
N ARG A 41 14.70 -30.17 13.73
CA ARG A 41 15.28 -30.18 12.38
C ARG A 41 14.47 -29.31 11.43
N VAL A 42 15.18 -28.48 10.67
CA VAL A 42 14.56 -27.54 9.76
C VAL A 42 15.10 -27.80 8.34
N GLU A 43 14.20 -27.98 7.38
CA GLU A 43 14.62 -28.17 5.98
C GLU A 43 15.51 -27.03 5.54
N ARG A 44 16.53 -27.35 4.75
CA ARG A 44 17.39 -26.32 4.15
C ARG A 44 16.53 -25.27 3.42
N GLY A 45 16.68 -24.01 3.81
CA GLY A 45 15.97 -22.89 3.14
C GLY A 45 14.53 -22.58 3.54
N ALA A 46 13.99 -23.31 4.51
CA ALA A 46 12.59 -23.20 4.91
C ALA A 46 12.11 -21.81 5.38
N GLY A 47 13.03 -21.05 5.95
CA GLY A 47 12.73 -19.71 6.41
C GLY A 47 13.16 -18.58 5.49
N GLU A 48 13.56 -18.91 4.26
CA GLU A 48 14.00 -17.89 3.32
C GLU A 48 12.87 -16.97 2.93
N GLY A 49 11.66 -17.52 2.79
CA GLY A 49 10.49 -16.70 2.45
C GLY A 49 10.23 -15.65 3.51
N ALA A 50 10.68 -15.95 4.73
CA ALA A 50 10.46 -15.11 5.91
C ALA A 50 11.79 -14.45 6.31
N TYR A 51 12.74 -14.45 5.38
CA TYR A 51 14.05 -13.81 5.62
C TYR A 51 14.87 -14.31 6.83
N HIS A 52 14.70 -15.58 7.18
CA HIS A 52 15.48 -16.23 8.23
C HIS A 52 16.43 -17.25 7.62
N PRO A 53 17.74 -16.93 7.61
CA PRO A 53 18.72 -17.84 7.00
C PRO A 53 18.91 -19.15 7.79
N ASP A 54 19.41 -20.18 7.10
CA ASP A 54 19.80 -21.44 7.76
C ASP A 54 20.71 -21.20 8.97
N GLU A 55 21.72 -20.35 8.80
CA GLU A 55 22.63 -20.02 9.90
C GLU A 55 21.93 -19.56 11.18
N ALA A 56 20.83 -18.81 11.04
CA ALA A 56 20.13 -18.28 12.21
C ALA A 56 19.44 -19.39 13.00
N TYR A 57 19.04 -20.45 12.28
CA TYR A 57 18.44 -21.65 12.89
C TYR A 57 19.49 -22.48 13.60
N GLN A 58 20.57 -22.76 12.89
CA GLN A 58 21.74 -23.42 13.49
C GLN A 58 22.13 -22.75 14.81
N GLU A 59 22.31 -21.43 14.78
CA GLU A 59 22.50 -20.65 16.01
C GLU A 59 21.51 -20.95 17.12
N ALA A 60 20.25 -21.19 16.75
CA ALA A 60 19.22 -21.48 17.73
C ALA A 60 19.26 -22.94 18.23
N GLY A 61 20.08 -23.76 17.58
CA GLY A 61 20.32 -25.12 18.06
C GLY A 61 19.67 -26.19 17.21
N ALA A 62 19.21 -25.79 16.04
CA ALA A 62 18.53 -26.71 15.14
C ALA A 62 19.60 -27.29 14.28
N GLU A 63 19.39 -28.49 13.76
CA GLU A 63 20.18 -28.94 12.63
C GLU A 63 19.40 -28.69 11.34
N VAL A 64 20.08 -28.07 10.38
CA VAL A 64 19.49 -27.75 9.09
C VAL A 64 19.71 -28.93 8.15
N VAL A 65 18.71 -29.82 8.09
CA VAL A 65 18.83 -31.04 7.29
C VAL A 65 18.33 -30.89 5.85
N GLU A 66 18.46 -31.95 5.07
CA GLU A 66 17.96 -31.97 3.70
C GLU A 66 16.52 -32.50 3.78
N ARG A 67 15.67 -32.05 2.85
CA ARG A 67 14.28 -32.48 2.83
C ARG A 67 14.19 -34.00 2.70
N GLY A 68 13.31 -34.62 3.48
CA GLY A 68 13.13 -36.07 3.38
C GLY A 68 14.26 -36.88 4.02
N GLU A 69 15.28 -36.17 4.51
CA GLU A 69 16.04 -36.61 5.68
C GLU A 69 15.27 -36.05 6.87
N LEU A 70 14.40 -35.09 6.58
CA LEU A 70 13.76 -34.24 7.61
C LEU A 70 13.01 -34.99 8.70
N LEU A 71 12.25 -36.00 8.29
CA LEU A 71 11.38 -36.70 9.22
C LEU A 71 11.99 -37.89 9.94
N LYS A 72 13.30 -38.05 9.86
CA LYS A 72 13.99 -39.16 10.55
C LYS A 72 13.80 -39.19 12.09
N GLY A 73 14.24 -38.15 12.79
CA GLY A 73 13.99 -38.03 14.26
C GLY A 73 12.50 -38.11 14.63
N ALA A 74 11.75 -37.07 14.26
CA ALA A 74 10.31 -37.19 13.89
C ALA A 74 9.16 -37.39 14.87
N HIS A 75 9.14 -36.68 15.98
CA HIS A 75 7.96 -36.76 16.87
C HIS A 75 6.80 -35.81 16.49
N LEU A 76 7.16 -34.64 15.95
CA LEU A 76 6.19 -33.59 15.69
C LEU A 76 6.57 -32.89 14.41
N LEU A 77 5.64 -32.90 13.45
CA LEU A 77 5.80 -32.17 12.19
C LEU A 77 5.02 -30.86 12.23
N PHE A 78 5.73 -29.74 12.27
CA PHE A 78 5.10 -28.41 12.28
C PHE A 78 5.08 -27.83 10.89
N THR A 79 3.87 -27.62 10.36
CA THR A 79 3.69 -26.98 9.06
C THR A 79 2.80 -25.71 9.12
N VAL A 80 2.74 -24.98 8.01
CA VAL A 80 1.82 -23.87 7.86
C VAL A 80 0.68 -24.48 7.07
N GLN A 81 0.94 -24.77 5.80
CA GLN A 81 0.02 -25.54 4.99
C GLN A 81 0.26 -27.03 5.21
N PRO A 82 -0.75 -27.86 4.91
CA PRO A 82 -0.66 -29.29 5.18
C PRO A 82 0.47 -29.89 4.37
N PRO A 83 1.09 -30.96 4.89
CA PRO A 83 2.28 -31.53 4.27
C PRO A 83 1.93 -32.20 2.96
N PRO A 84 2.76 -31.99 1.92
CA PRO A 84 2.59 -32.68 0.65
C PRO A 84 2.99 -34.16 0.79
N GLU A 85 2.82 -34.92 -0.30
CA GLU A 85 2.92 -36.37 -0.22
C GLU A 85 4.29 -36.93 0.06
N ASP A 86 5.33 -36.32 -0.52
CA ASP A 86 6.71 -36.74 -0.25
C ASP A 86 6.94 -36.82 1.28
N LEU A 87 6.44 -35.80 1.99
CA LEU A 87 6.52 -35.72 3.44
C LEU A 87 5.60 -36.69 4.16
N ILE A 88 4.36 -36.80 3.70
CA ILE A 88 3.37 -37.71 4.29
C ILE A 88 3.93 -39.15 4.36
N GLN A 89 4.27 -39.72 3.20
CA GLN A 89 4.94 -41.03 3.13
C GLN A 89 6.10 -41.20 4.12
N ALA A 90 6.80 -40.12 4.43
CA ALA A 90 7.99 -40.17 5.29
C ALA A 90 7.71 -40.07 6.79
N LEU A 91 6.43 -40.10 7.16
CA LEU A 91 5.99 -39.74 8.52
C LEU A 91 6.61 -40.44 9.72
N GLU A 92 6.50 -41.77 9.78
CA GLU A 92 7.04 -42.54 10.91
C GLU A 92 5.92 -42.69 11.93
N PRO A 93 5.48 -43.93 12.17
CA PRO A 93 4.31 -44.22 13.03
C PRO A 93 4.35 -43.52 14.40
N GLY A 94 3.19 -43.02 14.84
CA GLY A 94 3.07 -42.31 16.13
C GLY A 94 3.37 -40.81 16.07
N ALA A 95 3.87 -40.33 14.94
CA ALA A 95 4.17 -38.91 14.78
C ALA A 95 2.90 -38.07 14.72
N ILE A 96 2.99 -36.84 15.22
CA ILE A 96 1.87 -35.88 15.13
C ILE A 96 2.15 -34.79 14.11
N VAL A 97 1.19 -34.59 13.21
CA VAL A 97 1.22 -33.48 12.27
C VAL A 97 0.43 -32.32 12.86
N VAL A 98 1.07 -31.16 12.92
CA VAL A 98 0.46 -29.93 13.41
C VAL A 98 0.62 -28.78 12.41
N GLY A 99 -0.51 -28.28 11.93
CA GLY A 99 -0.55 -27.15 10.99
C GLY A 99 -1.94 -26.92 10.44
N PHE A 100 -2.09 -25.95 9.54
CA PHE A 100 -3.34 -25.78 8.85
C PHE A 100 -3.57 -27.00 7.97
N VAL A 101 -4.81 -27.47 7.94
CA VAL A 101 -5.20 -28.62 7.12
C VAL A 101 -6.14 -28.23 5.98
N GLN A 102 -7.27 -27.63 6.32
CA GLN A 102 -8.26 -27.17 5.32
C GLN A 102 -8.67 -28.29 4.37
N PRO A 103 -9.37 -29.29 4.91
CA PRO A 103 -9.78 -30.46 4.12
C PRO A 103 -10.41 -30.10 2.78
N HIS A 104 -11.30 -29.11 2.78
CA HIS A 104 -11.96 -28.67 1.54
C HIS A 104 -10.99 -28.17 0.45
N LYS A 105 -9.86 -27.58 0.85
CA LYS A 105 -8.88 -27.06 -0.12
C LYS A 105 -7.86 -28.10 -0.56
N ASN A 106 -7.58 -29.04 0.34
CA ASN A 106 -6.53 -30.02 0.12
C ASN A 106 -7.02 -31.44 0.42
N LEU A 107 -8.14 -31.85 -0.20
CA LEU A 107 -8.75 -33.15 0.11
C LEU A 107 -7.78 -34.28 -0.18
N GLU A 108 -7.19 -34.27 -1.38
CA GLU A 108 -6.22 -35.30 -1.79
C GLU A 108 -5.17 -35.56 -0.72
N LEU A 109 -4.56 -34.50 -0.20
CA LEU A 109 -3.56 -34.64 0.86
C LEU A 109 -4.17 -35.16 2.17
N VAL A 110 -5.45 -34.86 2.40
CA VAL A 110 -6.14 -35.35 3.60
C VAL A 110 -6.37 -36.87 3.53
N ARG A 111 -6.75 -37.38 2.35
CA ARG A 111 -6.96 -38.81 2.11
C ARG A 111 -5.65 -39.61 2.17
N ALA A 112 -4.55 -38.94 1.81
CA ALA A 112 -3.22 -39.53 1.90
C ALA A 112 -2.75 -39.67 3.36
N LEU A 113 -3.18 -38.73 4.20
CA LEU A 113 -2.80 -38.72 5.62
C LEU A 113 -3.47 -39.84 6.39
N GLN A 114 -4.72 -40.12 6.07
CA GLN A 114 -5.45 -41.20 6.73
C GLN A 114 -5.05 -42.57 6.19
N ALA A 115 -4.83 -42.66 4.88
CA ALA A 115 -4.32 -43.89 4.26
C ALA A 115 -3.00 -44.32 4.92
N LYS A 116 -2.12 -43.34 5.15
CA LYS A 116 -0.86 -43.55 5.88
C LYS A 116 -1.10 -43.74 7.41
N LYS A 117 -2.36 -43.63 7.83
CA LYS A 117 -2.76 -43.88 9.24
C LYS A 117 -2.14 -42.87 10.23
N ALA A 118 -2.08 -41.62 9.80
CA ALA A 118 -1.36 -40.56 10.54
C ALA A 118 -2.21 -39.82 11.57
N THR A 119 -1.55 -39.03 12.40
CA THR A 119 -2.24 -38.20 13.41
C THR A 119 -1.98 -36.69 13.20
N VAL A 120 -3.05 -35.93 13.09
CA VAL A 120 -2.96 -34.50 12.79
C VAL A 120 -3.83 -33.59 13.67
N ILE A 121 -3.18 -32.64 14.31
CA ILE A 121 -3.86 -31.54 14.98
C ILE A 121 -3.99 -30.42 13.94
N ALA A 122 -5.24 -30.09 13.62
CA ALA A 122 -5.56 -29.08 12.58
C ALA A 122 -5.67 -27.70 13.22
N MET A 123 -4.83 -26.77 12.76
CA MET A 123 -4.76 -25.43 13.36
C MET A 123 -6.04 -24.56 13.26
N GLU A 124 -6.83 -24.76 12.20
CA GLU A 124 -8.10 -24.03 12.04
C GLU A 124 -9.14 -24.55 13.02
N LEU A 125 -8.81 -25.64 13.70
CA LEU A 125 -9.74 -26.23 14.66
C LEU A 125 -9.48 -25.93 16.13
N ILE A 126 -8.53 -25.04 16.42
CA ILE A 126 -8.35 -24.56 17.78
C ILE A 126 -9.67 -23.93 18.24
N PRO A 127 -10.13 -24.29 19.44
CA PRO A 127 -11.39 -23.72 19.98
C PRO A 127 -11.24 -22.26 20.40
N ARG A 128 -12.28 -21.47 20.18
CA ARG A 128 -12.35 -20.09 20.69
C ARG A 128 -12.69 -20.05 22.20
N ILE A 129 -11.85 -20.66 23.03
CA ILE A 129 -11.93 -20.44 24.51
C ILE A 129 -10.75 -19.57 24.96
N THR A 130 -10.88 -18.87 26.10
CA THR A 130 -9.84 -17.88 26.50
C THR A 130 -8.45 -18.53 26.74
N ARG A 131 -8.45 -19.73 27.30
CA ARG A 131 -7.25 -20.47 27.58
C ARG A 131 -6.44 -20.82 26.32
N ALA A 132 -7.08 -20.65 25.17
CA ALA A 132 -6.46 -21.04 23.90
C ALA A 132 -6.18 -19.84 23.01
N GLN A 133 -6.47 -18.65 23.52
CA GLN A 133 -6.24 -17.42 22.79
C GLN A 133 -4.82 -17.34 22.21
N SER A 134 -3.81 -17.62 23.05
CA SER A 134 -2.42 -17.51 22.64
C SER A 134 -2.05 -18.56 21.58
N MET A 135 -2.93 -19.54 21.39
CA MET A 135 -2.73 -20.59 20.40
C MET A 135 -3.48 -20.38 19.09
N ASP A 136 -4.31 -19.33 19.04
CA ASP A 136 -5.19 -19.09 17.88
C ASP A 136 -4.51 -18.55 16.62
N ALA A 137 -4.11 -19.45 15.74
CA ALA A 137 -3.49 -19.08 14.50
C ALA A 137 -4.42 -18.42 13.48
N LEU A 138 -5.71 -18.76 13.50
CA LEU A 138 -6.69 -18.06 12.67
C LEU A 138 -6.72 -16.56 13.02
N SER A 139 -6.77 -16.28 14.31
CA SER A 139 -6.78 -14.94 14.78
C SER A 139 -5.49 -14.20 14.36
N SER A 140 -4.33 -14.79 14.64
CA SER A 140 -3.05 -14.12 14.37
C SER A 140 -2.88 -13.84 12.88
N GLN A 141 -3.16 -14.83 12.05
CA GLN A 141 -3.18 -14.64 10.60
C GLN A 141 -4.28 -13.63 10.10
N ALA A 142 -5.41 -13.58 10.81
CA ALA A 142 -6.48 -12.62 10.46
C ALA A 142 -6.04 -11.19 10.75
N THR A 143 -5.39 -10.97 11.89
CA THR A 143 -4.71 -9.68 12.14
C THR A 143 -3.80 -9.22 10.99
N VAL A 144 -2.97 -10.12 10.48
CA VAL A 144 -2.09 -9.78 9.36
C VAL A 144 -2.92 -9.37 8.16
N ALA A 145 -3.96 -10.17 7.90
CA ALA A 145 -4.75 -10.01 6.71
C ALA A 145 -5.49 -8.62 6.75
N GLY A 146 -6.12 -8.34 7.89
CA GLY A 146 -6.69 -7.05 8.17
C GLY A 146 -5.82 -5.84 7.94
N TYR A 147 -4.62 -5.85 8.53
CA TYR A 147 -3.63 -4.80 8.31
C TYR A 147 -3.37 -4.62 6.81
N LEU A 148 -3.02 -5.70 6.13
CA LEU A 148 -2.74 -5.60 4.68
C LEU A 148 -4.00 -5.20 3.82
N ALA A 149 -5.18 -5.64 4.22
CA ALA A 149 -6.37 -5.18 3.56
C ALA A 149 -6.33 -3.62 3.45
N ALA A 150 -6.07 -2.97 4.58
CA ALA A 150 -6.15 -1.53 4.67
C ALA A 150 -5.05 -0.88 3.88
N ILE A 151 -3.84 -1.40 4.01
CA ILE A 151 -2.72 -0.92 3.22
C ILE A 151 -2.98 -1.02 1.73
N HIS A 152 -3.47 -2.17 1.29
CA HIS A 152 -3.85 -2.35 -0.13
C HIS A 152 -5.01 -1.41 -0.52
N ALA A 153 -5.96 -1.20 0.39
CA ALA A 153 -7.06 -0.28 0.07
C ALA A 153 -6.45 1.07 -0.26
N ALA A 154 -5.44 1.50 0.50
CA ALA A 154 -4.83 2.85 0.29
C ALA A 154 -3.99 2.92 -0.96
N ARG A 155 -3.22 1.86 -1.22
CA ARG A 155 -2.47 1.75 -2.49
CA ARG A 155 -2.47 1.82 -2.48
C ARG A 155 -3.41 1.83 -3.69
N LEU A 156 -4.53 1.12 -3.62
CA LEU A 156 -5.47 1.05 -4.76
C LEU A 156 -6.35 2.27 -4.99
N SER A 157 -6.60 3.07 -3.96
CA SER A 157 -7.53 4.16 -4.05
C SER A 157 -6.85 5.36 -4.68
N PRO A 158 -7.56 6.09 -5.55
CA PRO A 158 -6.98 7.28 -6.18
C PRO A 158 -7.15 8.57 -5.36
N ARG A 159 -7.61 8.43 -4.13
CA ARG A 159 -7.66 9.55 -3.21
C ARG A 159 -6.85 9.30 -1.92
N PHE A 160 -6.49 10.38 -1.23
CA PHE A 160 -5.91 10.29 0.11
C PHE A 160 -6.89 9.67 1.07
N PHE A 161 -6.37 8.88 2.02
CA PHE A 161 -7.14 8.47 3.17
C PHE A 161 -7.29 9.64 4.21
N PRO A 162 -6.21 10.33 4.59
CA PRO A 162 -6.34 11.36 5.64
C PRO A 162 -6.86 12.70 5.07
N MET A 163 -7.51 13.48 5.91
CA MET A 163 -7.80 14.88 5.60
C MET A 163 -6.46 15.68 5.61
N LEU A 164 -6.38 16.72 4.79
CA LEU A 164 -5.11 17.27 4.46
C LEU A 164 -5.35 18.71 4.09
N THR A 165 -4.48 19.60 4.60
CA THR A 165 -4.40 20.98 4.18
C THR A 165 -3.00 21.37 3.70
N THR A 166 -2.95 22.03 2.55
CA THR A 166 -1.74 22.65 2.04
C THR A 166 -2.19 23.99 1.52
N ALA A 167 -1.26 24.76 0.96
CA ALA A 167 -1.59 26.05 0.42
C ALA A 167 -2.54 25.95 -0.77
N ALA A 168 -2.73 24.73 -1.31
CA ALA A 168 -3.68 24.51 -2.40
C ALA A 168 -5.10 24.13 -1.92
N GLY A 169 -5.40 24.39 -0.65
CA GLY A 169 -6.69 23.96 -0.09
C GLY A 169 -6.67 22.77 0.88
N THR A 170 -7.86 22.26 1.18
CA THR A 170 -8.04 21.19 2.13
C THR A 170 -8.76 20.10 1.37
N ILE A 171 -8.58 18.86 1.82
CA ILE A 171 -9.19 17.72 1.20
C ILE A 171 -9.83 16.88 2.27
N ARG A 172 -11.05 16.41 2.01
CA ARG A 172 -11.76 15.53 2.96
C ARG A 172 -11.04 14.19 3.14
N PRO A 173 -11.18 13.58 4.31
CA PRO A 173 -10.64 12.22 4.52
C PRO A 173 -11.47 11.20 3.75
N ALA A 174 -10.94 10.02 3.52
CA ALA A 174 -11.65 9.08 2.71
C ALA A 174 -12.70 8.46 3.59
N LYS A 175 -13.72 7.88 2.98
CA LYS A 175 -14.74 7.20 3.74
C LYS A 175 -14.56 5.72 3.52
N VAL A 176 -14.27 4.99 4.59
CA VAL A 176 -13.98 3.57 4.50
C VAL A 176 -15.01 2.78 5.28
N MET A 177 -15.62 1.79 4.65
CA MET A 177 -16.48 0.85 5.39
C MET A 177 -15.87 -0.55 5.47
N VAL A 178 -15.76 -1.08 6.68
CA VAL A 178 -15.31 -2.46 6.87
C VAL A 178 -16.57 -3.31 7.15
N MET A 179 -16.79 -4.36 6.37
CA MET A 179 -17.99 -5.20 6.48
C MET A 179 -17.57 -6.60 6.96
N GLY A 180 -18.08 -7.01 8.11
CA GLY A 180 -17.57 -8.22 8.79
C GLY A 180 -16.51 -7.73 9.77
N VAL A 181 -16.91 -7.56 11.02
CA VAL A 181 -16.01 -7.04 12.04
C VAL A 181 -15.54 -8.18 13.01
N GLY A 182 -14.86 -9.19 12.46
CA GLY A 182 -14.15 -10.15 13.30
C GLY A 182 -12.72 -9.63 13.44
N VAL A 183 -11.79 -10.57 13.65
CA VAL A 183 -10.40 -10.22 13.92
C VAL A 183 -9.78 -9.43 12.75
N ALA A 184 -9.93 -9.92 11.52
CA ALA A 184 -9.39 -9.22 10.36
C ALA A 184 -9.96 -7.81 10.24
N GLY A 185 -11.28 -7.70 10.32
CA GLY A 185 -11.97 -6.39 10.19
C GLY A 185 -11.60 -5.37 11.23
N LEU A 186 -11.38 -5.84 12.46
CA LEU A 186 -10.95 -4.94 13.55
C LEU A 186 -9.61 -4.29 13.23
N MET A 187 -8.68 -5.08 12.71
CA MET A 187 -7.37 -4.55 12.32
C MET A 187 -7.42 -3.65 11.09
N ALA A 188 -8.34 -3.94 10.17
CA ALA A 188 -8.58 -3.04 9.03
C ALA A 188 -9.10 -1.70 9.55
N ILE A 189 -9.96 -1.77 10.56
CA ILE A 189 -10.44 -0.57 11.20
C ILE A 189 -9.31 0.18 11.85
N ALA A 190 -8.57 -0.50 12.71
CA ALA A 190 -7.46 0.15 13.40
C ALA A 190 -6.52 0.81 12.38
N THR A 191 -6.22 0.12 11.27
CA THR A 191 -5.23 0.61 10.31
C THR A 191 -5.76 1.73 9.40
N ALA A 192 -7.01 1.59 8.93
CA ALA A 192 -7.65 2.69 8.17
C ALA A 192 -7.85 3.94 9.01
N LYS A 193 -8.20 3.75 10.28
CA LYS A 193 -8.30 4.88 11.21
C LYS A 193 -6.92 5.56 11.41
N ARG A 194 -5.86 4.79 11.68
CA ARG A 194 -4.49 5.34 11.80
C ARG A 194 -4.13 6.27 10.60
N LEU A 195 -4.47 5.81 9.39
CA LEU A 195 -4.26 6.56 8.17
C LEU A 195 -5.16 7.78 8.05
N GLY A 196 -6.10 7.96 8.98
CA GLY A 196 -6.92 9.17 9.05
C GLY A 196 -8.24 9.14 8.25
N ALA A 197 -8.65 7.95 7.83
CA ALA A 197 -9.92 7.82 7.09
C ALA A 197 -11.06 8.00 8.10
N GLN A 198 -12.21 8.42 7.61
CA GLN A 198 -13.46 8.20 8.35
C GLN A 198 -13.86 6.74 8.14
N VAL A 199 -13.97 6.00 9.24
CA VAL A 199 -14.22 4.60 9.10
C VAL A 199 -15.58 4.21 9.66
N PHE A 200 -16.28 3.36 8.92
CA PHE A 200 -17.58 2.84 9.34
C PHE A 200 -17.55 1.34 9.42
N ALA A 201 -18.41 0.76 10.24
CA ALA A 201 -18.36 -0.68 10.49
C ALA A 201 -19.72 -1.36 10.35
N TYR A 202 -19.75 -2.46 9.63
CA TYR A 202 -20.97 -3.18 9.44
C TYR A 202 -20.84 -4.63 9.88
N ASP A 203 -21.60 -4.99 10.91
CA ASP A 203 -21.66 -6.37 11.38
C ASP A 203 -23.02 -6.59 12.02
N VAL A 204 -23.61 -7.76 11.81
CA VAL A 204 -24.92 -8.03 12.39
C VAL A 204 -24.93 -8.22 13.91
N ARG A 205 -23.75 -8.29 14.52
CA ARG A 205 -23.64 -8.52 15.97
C ARG A 205 -23.29 -7.21 16.68
N LYS A 206 -23.96 -6.96 17.80
CA LYS A 206 -23.71 -5.75 18.59
C LYS A 206 -22.33 -5.71 19.27
N ALA A 207 -21.90 -6.85 19.84
CA ALA A 207 -20.62 -6.99 20.49
C ALA A 207 -19.48 -6.61 19.55
N ALA A 208 -19.57 -7.07 18.30
CA ALA A 208 -18.60 -6.74 17.27
C ALA A 208 -18.62 -5.26 16.98
N LEU A 209 -19.79 -4.69 16.81
CA LEU A 209 -19.93 -3.25 16.60
C LEU A 209 -19.41 -2.38 17.78
N GLU A 210 -19.53 -2.88 19.01
CA GLU A 210 -18.99 -2.20 20.19
C GLU A 210 -17.46 -2.22 20.14
N GLN A 211 -16.91 -3.31 19.60
CA GLN A 211 -15.46 -3.41 19.40
C GLN A 211 -14.98 -2.37 18.37
N ALA A 212 -15.71 -2.27 17.26
CA ALA A 212 -15.47 -1.22 16.28
C ALA A 212 -15.53 0.19 16.86
N LEU A 213 -16.53 0.45 17.67
CA LEU A 213 -16.74 1.78 18.23
C LEU A 213 -15.52 2.11 19.05
N SER A 214 -15.07 1.13 19.81
CA SER A 214 -13.90 1.27 20.64
C SER A 214 -12.63 1.75 19.90
N LEU A 215 -12.47 1.33 18.65
CA LEU A 215 -11.32 1.70 17.87
C LEU A 215 -11.57 2.94 17.05
N GLY A 216 -12.75 3.54 17.22
CA GLY A 216 -13.06 4.84 16.61
C GLY A 216 -13.87 4.77 15.33
N ALA A 217 -14.42 3.60 15.01
CA ALA A 217 -15.24 3.43 13.83
C ALA A 217 -16.67 3.79 14.19
N LYS A 218 -17.36 4.49 13.28
CA LYS A 218 -18.82 4.73 13.41
C LYS A 218 -19.66 3.50 12.93
N PRO A 219 -20.40 2.85 13.83
CA PRO A 219 -21.27 1.74 13.41
C PRO A 219 -22.36 2.19 12.48
N ILE A 220 -22.65 1.35 11.49
CA ILE A 220 -23.73 1.57 10.56
C ILE A 220 -25.01 1.09 11.29
N GLU A 221 -25.95 2.01 11.51
CA GLU A 221 -27.20 1.61 12.18
C GLU A 221 -28.34 1.37 11.20
N LEU A 222 -28.77 0.11 11.11
CA LEU A 222 -29.83 -0.27 10.16
C LEU A 222 -31.20 -0.25 10.86
N PRO A 223 -32.30 -0.12 10.10
CA PRO A 223 -33.66 -0.04 10.72
C PRO A 223 -33.96 -1.13 11.78
N ILE A 224 -33.60 -2.38 11.52
CA ILE A 224 -33.55 -3.36 12.62
C ILE A 224 -32.12 -3.48 13.22
N SER A 225 -32.03 -3.38 14.54
CA SER A 225 -30.74 -3.26 15.24
C SER A 225 -29.94 -4.58 15.39
N ALA A 226 -28.66 -4.45 15.73
CA ALA A 226 -27.80 -5.60 15.94
C ALA A 226 -28.18 -6.31 17.25
N GLU A 227 -27.90 -7.61 17.32
CA GLU A 227 -28.30 -8.47 18.45
C GLU A 227 -27.21 -8.61 19.51
N GLU A 235 -34.57 -16.06 11.32
CA GLU A 235 -35.46 -15.35 12.29
C GLU A 235 -36.15 -14.13 11.67
N LEU A 236 -35.63 -13.66 10.53
CA LEU A 236 -36.08 -12.42 9.91
C LEU A 236 -36.96 -12.65 8.67
N THR A 237 -37.99 -11.83 8.50
CA THR A 237 -38.89 -11.94 7.34
C THR A 237 -38.27 -11.44 6.04
N GLU A 238 -38.88 -11.84 4.94
CA GLU A 238 -38.43 -11.44 3.62
C GLU A 238 -38.63 -9.94 3.46
N GLU A 239 -39.62 -9.42 4.17
CA GLU A 239 -39.94 -7.99 4.14
C GLU A 239 -38.90 -7.17 4.93
N GLU A 240 -38.57 -7.64 6.12
CA GLU A 240 -37.56 -7.01 6.94
C GLU A 240 -36.16 -7.07 6.27
N LYS A 241 -35.87 -8.16 5.55
CA LYS A 241 -34.60 -8.29 4.83
C LYS A 241 -34.50 -7.17 3.81
N ARG A 242 -35.60 -6.90 3.12
CA ARG A 242 -35.59 -5.88 2.09
C ARG A 242 -35.26 -4.48 2.64
N ILE A 243 -35.82 -4.13 3.80
CA ILE A 243 -35.54 -2.80 4.38
C ILE A 243 -34.09 -2.71 4.87
N GLN A 244 -33.55 -3.80 5.43
CA GLN A 244 -32.10 -3.83 5.81
C GLN A 244 -31.26 -3.61 4.57
N HIS A 245 -31.51 -4.42 3.56
CA HIS A 245 -30.78 -4.37 2.33
C HIS A 245 -30.77 -2.97 1.72
N GLU A 246 -31.93 -2.33 1.63
CA GLU A 246 -32.00 -1.00 1.00
C GLU A 246 -31.28 0.08 1.82
N ALA A 247 -31.33 -0.06 3.14
CA ALA A 247 -30.64 0.87 4.00
C ALA A 247 -29.08 0.70 3.85
N LEU A 248 -28.60 -0.54 3.93
CA LEU A 248 -27.17 -0.84 3.74
C LEU A 248 -26.71 -0.35 2.37
N ARG A 249 -27.51 -0.61 1.35
CA ARG A 249 -27.19 -0.15 0.00
C ARG A 249 -26.90 1.34 -0.04
N ASP A 250 -27.78 2.12 0.56
CA ASP A 250 -27.54 3.59 0.61
C ASP A 250 -26.23 3.98 1.34
N HIS A 251 -25.91 3.28 2.42
CA HIS A 251 -24.66 3.48 3.13
C HIS A 251 -23.43 3.13 2.25
N VAL A 252 -23.42 1.92 1.69
CA VAL A 252 -22.34 1.47 0.81
C VAL A 252 -22.05 2.45 -0.36
N ALA A 253 -23.13 2.95 -0.97
CA ALA A 253 -23.03 3.94 -2.06
C ALA A 253 -22.22 5.16 -1.69
N GLY A 254 -22.28 5.59 -0.45
CA GLY A 254 -21.56 6.78 -0.04
C GLY A 254 -20.08 6.54 0.23
N MET A 255 -19.66 5.27 0.26
CA MET A 255 -18.27 4.88 0.57
C MET A 255 -17.24 5.09 -0.54
N ASP A 256 -16.03 5.51 -0.15
CA ASP A 256 -14.87 5.58 -1.06
C ASP A 256 -14.14 4.24 -1.14
N VAL A 257 -14.17 3.48 -0.04
CA VAL A 257 -13.59 2.13 -0.03
C VAL A 257 -14.39 1.13 0.79
N LEU A 258 -14.51 -0.09 0.26
CA LEU A 258 -15.13 -1.18 1.00
C LEU A 258 -14.13 -2.30 1.29
N ILE A 259 -14.04 -2.73 2.54
CA ILE A 259 -13.23 -3.90 2.90
C ILE A 259 -14.17 -4.96 3.48
N THR A 260 -14.25 -6.09 2.80
CA THR A 260 -15.16 -7.13 3.24
C THR A 260 -14.39 -8.36 3.72
N THR A 261 -14.79 -8.89 4.87
CA THR A 261 -14.01 -9.94 5.52
C THR A 261 -14.84 -11.15 5.94
N ALA A 262 -16.13 -11.17 5.60
CA ALA A 262 -17.04 -12.19 6.15
C ALA A 262 -16.85 -13.56 5.52
N GLN A 263 -16.42 -14.50 6.36
CA GLN A 263 -16.15 -15.85 5.92
C GLN A 263 -16.88 -16.77 6.90
N VAL A 264 -17.23 -17.98 6.44
CA VAL A 264 -17.94 -18.97 7.30
C VAL A 264 -17.25 -20.29 7.02
N PRO A 265 -16.72 -20.95 8.06
CA PRO A 265 -15.88 -22.16 7.87
C PRO A 265 -16.60 -23.25 7.04
N GLY A 266 -15.88 -23.79 6.05
CA GLY A 266 -16.43 -24.81 5.14
C GLY A 266 -17.79 -24.46 4.57
N ARG A 267 -17.88 -23.31 3.91
CA ARG A 267 -19.10 -22.86 3.24
C ARG A 267 -18.66 -21.79 2.25
N ARG A 268 -19.47 -21.52 1.22
CA ARG A 268 -19.22 -20.37 0.35
C ARG A 268 -19.40 -19.10 1.18
N ALA A 269 -18.57 -18.08 0.91
CA ALA A 269 -18.69 -16.80 1.59
C ALA A 269 -20.01 -16.11 1.22
N PRO A 270 -20.62 -15.43 2.19
CA PRO A 270 -21.86 -14.69 1.94
C PRO A 270 -21.64 -13.49 1.01
N ILE A 271 -22.61 -13.20 0.16
CA ILE A 271 -22.50 -12.06 -0.73
C ILE A 271 -22.98 -10.89 0.06
N LEU A 272 -22.14 -9.87 0.21
CA LEU A 272 -22.48 -8.69 0.99
C LEU A 272 -22.52 -7.50 0.06
N LEU A 273 -21.83 -7.63 -1.06
CA LEU A 273 -21.83 -6.58 -2.05
C LEU A 273 -22.53 -7.18 -3.25
N THR A 274 -23.80 -6.83 -3.35
CA THR A 274 -24.72 -7.39 -4.28
C THR A 274 -24.56 -6.66 -5.61
N GLU A 275 -25.01 -7.29 -6.69
CA GLU A 275 -25.02 -6.64 -8.01
C GLU A 275 -25.64 -5.23 -8.03
N ASP A 276 -26.84 -5.08 -7.49
CA ASP A 276 -27.48 -3.73 -7.32
C ASP A 276 -26.75 -2.78 -6.31
N MET A 277 -25.98 -3.35 -5.39
CA MET A 277 -25.18 -2.52 -4.49
C MET A 277 -23.97 -1.99 -5.23
N VAL A 278 -23.37 -2.84 -6.07
CA VAL A 278 -22.17 -2.47 -6.83
C VAL A 278 -22.45 -1.41 -7.90
N GLU A 279 -23.63 -1.48 -8.52
CA GLU A 279 -24.06 -0.49 -9.54
C GLU A 279 -24.12 0.93 -9.00
N ARG A 280 -24.33 1.05 -7.69
CA ARG A 280 -24.42 2.35 -7.06
C ARG A 280 -23.09 2.93 -6.54
N LEU A 281 -22.00 2.15 -6.59
CA LEU A 281 -20.67 2.67 -6.23
C LEU A 281 -20.16 3.60 -7.32
N LYS A 282 -19.67 4.76 -6.91
CA LYS A 282 -19.07 5.69 -7.84
C LYS A 282 -17.80 5.12 -8.52
N PRO A 283 -17.53 5.55 -9.75
CA PRO A 283 -16.20 5.27 -10.35
C PRO A 283 -15.09 5.81 -9.45
N GLY A 284 -14.09 4.98 -9.18
CA GLY A 284 -12.96 5.37 -8.36
C GLY A 284 -13.02 4.73 -6.99
N THR A 285 -14.09 4.00 -6.71
CA THR A 285 -14.24 3.25 -5.46
C THR A 285 -13.39 2.01 -5.50
N VAL A 286 -12.97 1.54 -4.33
CA VAL A 286 -12.16 0.35 -4.17
C VAL A 286 -12.84 -0.67 -3.28
N VAL A 287 -12.78 -1.93 -3.67
CA VAL A 287 -13.24 -3.04 -2.84
C VAL A 287 -12.08 -3.97 -2.59
N VAL A 288 -11.75 -4.22 -1.34
CA VAL A 288 -10.72 -5.24 -1.04
C VAL A 288 -11.48 -6.33 -0.39
N ASP A 289 -11.57 -7.44 -1.10
CA ASP A 289 -12.46 -8.53 -0.72
C ASP A 289 -11.64 -9.67 -0.11
N LEU A 290 -11.60 -9.71 1.21
CA LEU A 290 -10.79 -10.69 1.93
C LEU A 290 -11.42 -12.06 1.94
N ALA A 291 -12.61 -12.18 1.37
CA ALA A 291 -13.31 -13.46 1.43
C ALA A 291 -13.10 -14.23 0.13
N ALA A 292 -12.17 -13.76 -0.70
CA ALA A 292 -11.94 -14.33 -2.03
C ALA A 292 -11.69 -15.83 -1.96
N GLU A 293 -10.87 -16.26 -0.99
CA GLU A 293 -10.53 -17.69 -0.83
C GLU A 293 -11.76 -18.61 -0.84
N SER A 294 -12.87 -18.17 -0.23
CA SER A 294 -14.08 -18.96 -0.21
C SER A 294 -15.15 -18.41 -1.14
N GLY A 295 -14.72 -17.60 -2.10
CA GLY A 295 -15.61 -17.15 -3.16
C GLY A 295 -15.91 -15.67 -3.24
N GLY A 296 -15.60 -14.92 -2.18
CA GLY A 296 -15.76 -13.46 -2.20
C GLY A 296 -17.08 -12.88 -1.65
N ASN A 297 -16.99 -11.83 -0.86
CA ASN A 297 -18.16 -11.11 -0.40
C ASN A 297 -18.79 -10.23 -1.55
N CYS A 298 -18.03 -10.02 -2.61
CA CYS A 298 -18.45 -9.12 -3.67
C CYS A 298 -18.64 -9.85 -5.01
N VAL A 299 -19.78 -9.60 -5.67
CA VAL A 299 -20.09 -10.31 -6.91
C VAL A 299 -19.07 -10.04 -8.02
N LEU A 300 -18.33 -8.95 -7.91
CA LEU A 300 -17.37 -8.59 -8.95
C LEU A 300 -16.03 -9.28 -8.82
N THR A 301 -15.76 -9.86 -7.67
CA THR A 301 -14.40 -10.19 -7.37
C THR A 301 -13.87 -11.42 -8.10
N LYS A 302 -12.73 -11.25 -8.76
CA LYS A 302 -11.97 -12.37 -9.35
C LYS A 302 -10.75 -12.74 -8.47
N PRO A 303 -10.81 -13.86 -7.74
CA PRO A 303 -9.76 -14.24 -6.75
C PRO A 303 -8.36 -14.09 -7.24
N GLY A 304 -7.50 -13.53 -6.41
CA GLY A 304 -6.12 -13.32 -6.79
C GLY A 304 -5.89 -12.30 -7.86
N GLU A 305 -6.92 -11.58 -8.26
CA GLU A 305 -6.76 -10.57 -9.29
C GLU A 305 -7.27 -9.21 -8.83
N VAL A 306 -6.88 -8.17 -9.59
CA VAL A 306 -7.48 -6.87 -9.43
C VAL A 306 -8.20 -6.61 -10.72
N VAL A 307 -9.52 -6.45 -10.66
CA VAL A 307 -10.30 -6.08 -11.84
C VAL A 307 -10.86 -4.70 -11.64
N GLU A 308 -11.27 -4.07 -12.75
CA GLU A 308 -11.94 -2.78 -12.69
C GLU A 308 -13.19 -2.74 -13.61
N VAL A 309 -14.38 -2.74 -13.01
CA VAL A 309 -15.62 -2.53 -13.76
C VAL A 309 -16.40 -1.25 -13.38
N ARG A 310 -16.88 -0.52 -14.40
CA ARG A 310 -17.55 0.77 -14.19
C ARG A 310 -16.68 1.73 -13.32
N GLY A 311 -15.37 1.63 -13.50
CA GLY A 311 -14.41 2.32 -12.66
C GLY A 311 -14.25 1.84 -11.20
N VAL A 312 -14.81 0.69 -10.86
CA VAL A 312 -14.73 0.20 -9.49
C VAL A 312 -13.57 -0.81 -9.43
N ARG A 313 -12.46 -0.46 -8.76
CA ARG A 313 -11.31 -1.39 -8.64
C ARG A 313 -11.60 -2.41 -7.56
N VAL A 314 -11.63 -3.69 -7.93
CA VAL A 314 -11.97 -4.76 -6.98
C VAL A 314 -10.86 -5.76 -6.90
N TYR A 315 -10.39 -6.02 -5.69
CA TYR A 315 -9.19 -6.86 -5.46
C TYR A 315 -9.51 -7.99 -4.52
N GLY A 316 -9.17 -9.21 -4.92
CA GLY A 316 -9.45 -10.39 -4.10
C GLY A 316 -8.21 -11.15 -3.68
N PRO A 317 -7.46 -10.60 -2.72
CA PRO A 317 -6.18 -11.18 -2.35
C PRO A 317 -6.29 -12.58 -1.76
N LEU A 318 -5.39 -13.45 -2.18
CA LEU A 318 -5.22 -14.77 -1.57
C LEU A 318 -3.82 -14.72 -0.95
N ASN A 319 -3.65 -15.30 0.23
CA ASN A 319 -2.30 -15.30 0.85
C ASN A 319 -1.70 -13.94 1.25
N LEU A 320 -2.50 -13.12 1.92
CA LEU A 320 -1.99 -11.89 2.50
C LEU A 320 -0.95 -12.15 3.56
N PRO A 321 -1.18 -13.18 4.40
CA PRO A 321 -0.22 -13.51 5.45
C PRO A 321 1.16 -13.75 4.88
N SER A 322 1.23 -14.46 3.76
CA SER A 322 2.49 -14.71 3.15
C SER A 322 3.18 -13.41 2.61
N GLU A 323 2.40 -12.38 2.32
CA GLU A 323 3.02 -11.09 1.98
C GLU A 323 3.73 -10.48 3.18
N LEU A 324 3.15 -10.60 4.37
CA LEU A 324 3.79 -10.08 5.59
C LEU A 324 4.61 -11.20 6.31
N SER A 325 5.50 -11.85 5.56
CA SER A 325 6.01 -13.20 5.95
C SER A 325 6.81 -13.22 7.23
N VAL A 326 7.50 -12.12 7.51
CA VAL A 326 8.25 -12.02 8.74
C VAL A 326 7.35 -12.10 9.96
N HIS A 327 6.39 -11.19 10.05
CA HIS A 327 5.50 -11.20 11.21
C HIS A 327 4.42 -12.29 11.23
N ALA A 328 3.87 -12.62 10.08
CA ALA A 328 2.92 -13.72 10.01
C ALA A 328 3.61 -14.94 10.62
N SER A 329 4.84 -15.22 10.18
CA SER A 329 5.58 -16.39 10.71
C SER A 329 5.88 -16.29 12.19
N GLU A 330 6.33 -15.11 12.63
CA GLU A 330 6.59 -14.91 14.07
C GLU A 330 5.38 -15.24 14.96
N MET A 331 4.23 -14.66 14.66
CA MET A 331 3.00 -14.95 15.39
C MET A 331 2.57 -16.41 15.32
N TYR A 332 2.65 -17.00 14.14
CA TYR A 332 2.29 -18.38 13.95
C TYR A 332 3.24 -19.28 14.72
N ALA A 333 4.55 -18.96 14.63
CA ALA A 333 5.55 -19.68 15.42
C ALA A 333 5.19 -19.61 16.89
N LYS A 334 4.77 -18.46 17.36
CA LYS A 334 4.43 -18.34 18.74
C LYS A 334 3.19 -19.17 19.04
N ASN A 335 2.22 -19.16 18.12
CA ASN A 335 1.02 -19.94 18.34
C ASN A 335 1.40 -21.42 18.57
N LEU A 336 2.18 -21.98 17.65
CA LEU A 336 2.66 -23.33 17.78
C LEU A 336 3.44 -23.56 19.09
N TYR A 337 4.37 -22.66 19.40
CA TYR A 337 5.12 -22.77 20.65
C TYR A 337 4.14 -22.87 21.81
N ASN A 338 3.10 -22.03 21.77
CA ASN A 338 2.13 -21.99 22.85
C ASN A 338 1.28 -23.26 22.90
N LEU A 339 1.03 -23.83 21.73
CA LEU A 339 0.35 -25.12 21.62
C LEU A 339 1.26 -26.24 22.18
N SER A 340 2.57 -26.02 22.11
CA SER A 340 3.55 -27.02 22.53
C SER A 340 3.40 -27.47 23.98
N SER A 341 3.16 -26.52 24.87
CA SER A 341 2.95 -26.84 26.28
C SER A 341 1.94 -28.01 26.53
N LEU A 342 1.25 -28.43 25.47
CA LEU A 342 0.29 -29.54 25.55
C LEU A 342 0.76 -30.63 24.59
N LEU A 343 1.93 -30.45 24.02
CA LEU A 343 2.54 -31.47 23.16
C LEU A 343 3.86 -31.99 23.74
N ILE A 344 4.44 -31.18 24.63
CA ILE A 344 5.78 -31.40 25.11
C ILE A 344 5.81 -31.14 26.61
N GLU A 345 6.42 -32.06 27.35
CA GLU A 345 6.59 -31.94 28.80
C GLU A 345 8.06 -32.16 29.12
N LYS A 346 8.69 -31.15 29.72
CA LYS A 346 10.07 -31.30 30.20
C LYS A 346 11.08 -31.80 29.14
N GLY A 347 10.90 -31.36 27.90
CA GLY A 347 11.75 -31.84 26.79
C GLY A 347 11.27 -33.13 26.13
N ALA A 348 10.25 -33.77 26.73
CA ALA A 348 9.74 -35.05 26.23
C ALA A 348 8.43 -34.92 25.45
N PHE A 349 8.21 -35.86 24.54
CA PHE A 349 6.97 -35.98 23.79
C PHE A 349 5.78 -36.49 24.65
N ALA A 350 4.95 -35.57 25.14
CA ALA A 350 3.84 -35.92 26.03
C ALA A 350 2.48 -35.28 25.62
N PRO A 351 1.89 -35.77 24.53
CA PRO A 351 0.60 -35.23 24.04
C PRO A 351 -0.55 -35.40 25.04
N LYS A 352 -1.06 -34.28 25.55
CA LYS A 352 -2.20 -34.30 26.47
C LYS A 352 -3.51 -34.59 25.72
N TRP A 353 -3.75 -35.86 25.41
CA TRP A 353 -4.94 -36.27 24.67
C TRP A 353 -6.25 -35.86 25.32
N GLU A 354 -6.25 -35.78 26.65
CA GLU A 354 -7.47 -35.45 27.42
C GLU A 354 -7.84 -33.97 27.44
N ASP A 355 -6.90 -33.11 27.06
CA ASP A 355 -7.13 -31.66 27.02
C ASP A 355 -8.16 -31.23 25.97
N GLU A 356 -9.11 -30.39 26.38
CA GLU A 356 -10.17 -29.92 25.48
C GLU A 356 -9.62 -29.30 24.18
N ILE A 357 -8.52 -28.56 24.29
CA ILE A 357 -7.91 -27.95 23.11
C ILE A 357 -7.50 -29.06 22.14
N VAL A 358 -6.87 -30.09 22.65
CA VAL A 358 -6.37 -31.18 21.81
C VAL A 358 -7.53 -32.02 21.27
N ARG A 359 -8.57 -32.17 22.10
CA ARG A 359 -9.76 -32.91 21.70
C ARG A 359 -10.48 -32.18 20.55
N ALA A 360 -10.58 -30.86 20.67
CA ALA A 360 -11.22 -30.05 19.62
C ALA A 360 -10.43 -30.02 18.31
N ALA A 361 -9.10 -30.03 18.42
CA ALA A 361 -8.24 -29.75 17.28
C ALA A 361 -7.72 -31.02 16.62
N LEU A 362 -7.70 -32.11 17.38
CA LEU A 362 -7.25 -33.40 16.83
C LEU A 362 -8.22 -33.90 15.76
N LEU A 363 -7.81 -33.75 14.50
CA LEU A 363 -8.64 -34.09 13.36
C LEU A 363 -8.60 -35.59 13.07
N MET A 364 -7.47 -36.22 13.33
CA MET A 364 -7.38 -37.66 13.18
C MET A 364 -6.34 -38.27 14.11
N LYS A 365 -6.66 -39.44 14.66
CA LYS A 365 -5.74 -40.21 15.50
C LYS A 365 -5.51 -41.57 14.82
N GLU A 366 -4.24 -41.88 14.55
CA GLU A 366 -3.84 -43.13 13.89
C GLU A 366 -4.73 -43.45 12.69
N GLY A 367 -4.98 -42.44 11.85
CA GLY A 367 -5.71 -42.65 10.62
C GLY A 367 -7.23 -42.62 10.71
N GLU A 368 -7.76 -42.59 11.94
CA GLU A 368 -9.22 -42.47 12.16
C GLU A 368 -9.63 -41.01 12.25
N VAL A 369 -10.64 -40.62 11.48
CA VAL A 369 -11.09 -39.21 11.44
C VAL A 369 -12.04 -38.85 12.60
N LEU A 370 -11.63 -37.88 13.43
CA LEU A 370 -12.35 -37.56 14.67
C LEU A 370 -13.28 -36.35 14.64
N HIS A 371 -13.29 -35.62 13.53
CA HIS A 371 -14.14 -34.43 13.38
C HIS A 371 -15.11 -34.66 12.20
N GLY A 372 -16.40 -34.53 12.48
CA GLY A 372 -17.47 -34.92 11.55
C GLY A 372 -17.40 -34.52 10.08
N PRO A 373 -17.39 -33.22 9.79
CA PRO A 373 -17.50 -32.74 8.39
C PRO A 373 -16.42 -33.30 7.47
N THR A 374 -15.27 -33.60 8.05
CA THR A 374 -14.12 -34.07 7.29
C THR A 374 -14.34 -35.53 6.87
N LYS A 375 -14.99 -36.30 7.73
CA LYS A 375 -15.45 -37.67 7.39
C LYS A 375 -16.41 -37.63 6.19
N ALA A 376 -17.35 -36.70 6.22
CA ALA A 376 -18.34 -36.53 5.15
C ALA A 376 -17.72 -36.31 3.75
N LEU A 377 -16.83 -35.34 3.64
CA LEU A 377 -16.15 -35.02 2.38
C LEU A 377 -15.36 -36.19 1.80
N LEU A 378 -14.75 -36.98 2.69
CA LEU A 378 -13.98 -38.15 2.30
C LEU A 378 -14.92 -39.29 1.95
N HIS B 6 -13.93 39.45 -26.32
CA HIS B 6 -13.46 40.21 -25.12
C HIS B 6 -13.59 39.41 -23.80
N MET B 7 -13.62 38.07 -23.91
CA MET B 7 -13.75 37.18 -22.73
C MET B 7 -13.07 35.75 -22.87
N VAL B 8 -12.03 35.50 -22.07
CA VAL B 8 -11.07 34.37 -22.29
C VAL B 8 -11.58 32.93 -22.35
N THR B 9 -10.98 32.13 -23.24
CA THR B 9 -11.29 30.69 -23.33
C THR B 9 -10.08 29.75 -23.06
N VAL B 10 -10.32 28.73 -22.22
CA VAL B 10 -9.24 27.87 -21.65
C VAL B 10 -9.41 26.42 -22.15
N ALA B 11 -8.37 25.90 -22.79
CA ALA B 11 -8.40 24.51 -23.28
C ALA B 11 -7.73 23.48 -22.31
N VAL B 12 -8.31 22.27 -22.27
CA VAL B 12 -7.80 21.18 -21.43
C VAL B 12 -7.78 19.85 -22.20
N PRO B 13 -6.58 19.34 -22.51
CA PRO B 13 -6.41 18.08 -23.27
C PRO B 13 -6.53 16.81 -22.40
N LYS B 14 -6.79 15.68 -23.06
CA LYS B 14 -6.55 14.37 -22.47
C LYS B 14 -5.04 14.14 -22.49
N GLU B 15 -4.49 13.65 -21.40
CA GLU B 15 -3.04 13.41 -21.34
C GLU B 15 -2.72 12.14 -22.10
N ARG B 16 -1.55 12.13 -22.76
CA ARG B 16 -1.15 11.07 -23.71
C ARG B 16 0.06 10.28 -23.20
N ALA B 17 1.04 11.00 -22.67
CA ALA B 17 2.22 10.39 -22.06
C ALA B 17 1.84 9.04 -21.47
N PRO B 18 2.65 8.01 -21.68
CA PRO B 18 2.28 6.67 -21.23
C PRO B 18 2.11 6.65 -19.71
N GLY B 19 1.00 6.09 -19.25
CA GLY B 19 0.72 6.02 -17.83
C GLY B 19 0.32 7.29 -17.06
N GLU B 20 0.22 8.42 -17.76
CA GLU B 20 -0.33 9.65 -17.16
C GLU B 20 -1.85 9.51 -17.01
N ARG B 21 -2.36 9.79 -15.81
CA ARG B 21 -3.78 9.63 -15.54
C ARG B 21 -4.40 10.93 -15.07
N ARG B 22 -3.56 11.89 -14.74
CA ARG B 22 -4.02 13.20 -14.26
C ARG B 22 -4.74 14.04 -15.33
N VAL B 23 -5.41 15.10 -14.89
CA VAL B 23 -6.12 16.02 -15.79
C VAL B 23 -5.84 17.44 -15.29
N ALA B 24 -5.52 18.37 -16.19
CA ALA B 24 -5.05 19.68 -15.75
C ALA B 24 -6.09 20.44 -14.96
N LEU B 25 -7.36 20.24 -15.30
CA LEU B 25 -8.45 20.82 -14.52
C LEU B 25 -9.52 19.80 -14.21
N VAL B 26 -10.11 19.92 -13.03
CA VAL B 26 -11.23 19.08 -12.62
C VAL B 26 -12.55 19.89 -12.60
N PRO B 27 -13.71 19.22 -12.70
CA PRO B 27 -15.02 19.91 -12.82
C PRO B 27 -15.30 21.02 -11.79
N GLU B 28 -15.09 20.76 -10.51
CA GLU B 28 -15.32 21.79 -9.50
C GLU B 28 -14.51 23.05 -9.81
N VAL B 29 -13.29 22.88 -10.31
CA VAL B 29 -12.43 24.01 -10.66
C VAL B 29 -12.94 24.73 -11.93
N VAL B 30 -13.37 23.94 -12.90
CA VAL B 30 -13.94 24.44 -14.13
C VAL B 30 -15.13 25.39 -13.86
N ALA B 31 -16.03 24.98 -12.97
CA ALA B 31 -17.18 25.81 -12.59
C ALA B 31 -16.77 27.18 -12.07
N ARG B 32 -15.78 27.23 -11.18
CA ARG B 32 -15.32 28.53 -10.67
C ARG B 32 -14.79 29.42 -11.78
N LEU B 33 -14.08 28.84 -12.74
CA LEU B 33 -13.60 29.57 -13.91
C LEU B 33 -14.77 30.12 -14.74
N VAL B 34 -15.79 29.29 -14.92
CA VAL B 34 -16.98 29.66 -15.68
C VAL B 34 -17.82 30.71 -14.94
N LYS B 35 -18.09 30.43 -13.67
CA LYS B 35 -18.84 31.33 -12.78
C LYS B 35 -18.12 32.69 -12.57
N GLY B 36 -16.86 32.77 -13.01
CA GLY B 36 -16.13 34.05 -13.00
C GLY B 36 -16.08 34.67 -14.40
N GLY B 37 -16.85 34.10 -15.31
CA GLY B 37 -16.96 34.62 -16.67
C GLY B 37 -15.87 34.20 -17.65
N ALA B 38 -15.37 32.97 -17.48
CA ALA B 38 -14.42 32.41 -18.45
C ALA B 38 -15.12 31.29 -19.20
N ARG B 39 -14.62 30.98 -20.39
CA ARG B 39 -15.03 29.74 -21.07
C ARG B 39 -13.92 28.68 -21.06
N VAL B 40 -14.33 27.41 -21.00
CA VAL B 40 -13.42 26.28 -20.90
C VAL B 40 -13.83 25.19 -21.89
N ARG B 41 -12.90 24.77 -22.74
CA ARG B 41 -13.13 23.57 -23.56
C ARG B 41 -12.28 22.35 -23.19
N VAL B 42 -12.94 21.23 -22.92
CA VAL B 42 -12.29 20.01 -22.44
C VAL B 42 -12.37 18.88 -23.47
N GLU B 43 -11.23 18.26 -23.77
CA GLU B 43 -11.21 17.11 -24.70
C GLU B 43 -12.09 15.99 -24.17
N ARG B 44 -12.84 15.36 -25.05
CA ARG B 44 -13.66 14.20 -24.66
C ARG B 44 -12.77 13.21 -23.91
N GLY B 45 -13.23 12.75 -22.75
CA GLY B 45 -12.48 11.77 -21.93
C GLY B 45 -11.32 12.26 -21.04
N ALA B 46 -10.95 13.53 -21.16
CA ALA B 46 -9.79 14.11 -20.46
C ALA B 46 -9.67 13.82 -18.96
N GLY B 47 -10.81 13.66 -18.30
CA GLY B 47 -10.84 13.42 -16.89
C GLY B 47 -11.12 11.99 -16.47
N GLU B 48 -11.10 11.06 -17.42
CA GLU B 48 -11.41 9.68 -17.09
C GLU B 48 -10.36 9.07 -16.17
N GLY B 49 -9.08 9.40 -16.42
CA GLY B 49 -8.00 8.87 -15.60
C GLY B 49 -8.24 9.23 -14.14
N ALA B 50 -9.00 10.31 -13.94
CA ALA B 50 -9.20 10.92 -12.62
C ALA B 50 -10.67 10.74 -12.19
N TYR B 51 -11.35 9.83 -12.88
CA TYR B 51 -12.76 9.53 -12.60
C TYR B 51 -13.74 10.73 -12.68
N HIS B 52 -13.45 11.69 -13.55
CA HIS B 52 -14.36 12.80 -13.81
C HIS B 52 -14.98 12.62 -15.18
N PRO B 53 -16.24 12.19 -15.21
CA PRO B 53 -16.92 11.94 -16.51
C PRO B 53 -17.15 13.24 -17.27
N ASP B 54 -17.19 13.17 -18.60
CA ASP B 54 -17.62 14.32 -19.43
C ASP B 54 -18.83 15.11 -18.88
N GLU B 55 -19.87 14.40 -18.45
CA GLU B 55 -21.12 15.06 -17.97
C GLU B 55 -20.89 15.99 -16.77
N ALA B 56 -19.90 15.65 -15.94
CA ALA B 56 -19.54 16.50 -14.82
C ALA B 56 -18.92 17.82 -15.28
N TYR B 57 -18.22 17.81 -16.42
CA TYR B 57 -17.60 19.02 -16.97
C TYR B 57 -18.65 19.93 -17.59
N GLN B 58 -19.54 19.32 -18.38
CA GLN B 58 -20.66 20.03 -18.99
C GLN B 58 -21.51 20.67 -17.92
N GLU B 59 -21.88 19.90 -16.89
CA GLU B 59 -22.55 20.44 -15.73
C GLU B 59 -21.84 21.68 -15.18
N ALA B 60 -20.51 21.65 -15.20
CA ALA B 60 -19.73 22.74 -14.65
C ALA B 60 -19.66 23.93 -15.62
N GLY B 61 -20.07 23.73 -16.86
CA GLY B 61 -20.27 24.83 -17.79
C GLY B 61 -19.32 24.88 -18.95
N ALA B 62 -18.68 23.75 -19.24
CA ALA B 62 -17.66 23.70 -20.28
C ALA B 62 -18.20 22.95 -21.46
N GLU B 63 -17.60 23.13 -22.63
CA GLU B 63 -17.96 22.31 -23.78
C GLU B 63 -16.97 21.19 -23.95
N VAL B 64 -17.45 19.98 -23.76
CA VAL B 64 -16.66 18.79 -23.97
C VAL B 64 -16.54 18.60 -25.48
N VAL B 65 -15.50 19.18 -26.06
CA VAL B 65 -15.30 19.12 -27.51
C VAL B 65 -14.47 17.91 -27.90
N GLU B 66 -14.10 17.84 -29.17
CA GLU B 66 -13.29 16.74 -29.71
C GLU B 66 -11.85 17.20 -29.77
N ARG B 67 -10.90 16.28 -29.63
CA ARG B 67 -9.49 16.63 -29.72
C ARG B 67 -9.22 17.26 -31.09
N GLY B 68 -8.37 18.27 -31.14
CA GLY B 68 -7.99 18.83 -32.43
C GLY B 68 -9.03 19.78 -33.00
N GLU B 69 -10.21 19.78 -32.39
CA GLU B 69 -11.10 20.97 -32.38
C GLU B 69 -10.68 21.80 -31.16
N LEU B 70 -9.91 21.19 -30.25
CA LEU B 70 -9.73 21.70 -28.89
C LEU B 70 -9.21 23.11 -28.81
N LEU B 71 -8.21 23.43 -29.63
CA LEU B 71 -7.54 24.71 -29.54
C LEU B 71 -8.21 25.86 -30.27
N LYS B 72 -9.08 25.52 -31.23
CA LYS B 72 -9.83 26.52 -32.01
C LYS B 72 -10.33 27.68 -31.15
N GLY B 73 -11.18 27.36 -30.17
CA GLY B 73 -11.71 28.37 -29.25
C GLY B 73 -10.79 29.54 -28.92
N ALA B 74 -9.64 29.26 -28.32
CA ALA B 74 -8.77 30.36 -27.88
C ALA B 74 -7.47 30.18 -27.05
N HIS B 75 -7.46 30.77 -25.86
CA HIS B 75 -6.30 31.55 -25.37
C HIS B 75 -5.29 30.89 -24.44
N LEU B 76 -5.74 29.91 -23.64
CA LEU B 76 -4.90 29.25 -22.64
C LEU B 76 -5.01 27.75 -22.79
N LEU B 77 -3.86 27.11 -22.99
CA LEU B 77 -3.74 25.65 -22.98
C LEU B 77 -3.21 25.18 -21.62
N PHE B 78 -4.09 24.61 -20.80
CA PHE B 78 -3.71 24.08 -19.49
C PHE B 78 -3.44 22.60 -19.61
N THR B 79 -2.20 22.20 -19.33
CA THR B 79 -1.80 20.77 -19.40
C THR B 79 -1.12 20.24 -18.10
N VAL B 80 -1.05 18.93 -17.96
CA VAL B 80 -0.27 18.33 -16.89
C VAL B 80 1.13 18.20 -17.49
N GLN B 81 1.30 17.23 -18.37
CA GLN B 81 2.51 17.16 -19.14
C GLN B 81 2.41 18.03 -20.38
N PRO B 82 3.56 18.39 -20.97
CA PRO B 82 3.60 19.32 -22.11
C PRO B 82 2.81 18.76 -23.27
N PRO B 83 2.28 19.65 -24.12
CA PRO B 83 1.42 19.20 -25.19
C PRO B 83 2.24 18.50 -26.28
N PRO B 84 1.76 17.35 -26.76
CA PRO B 84 2.42 16.67 -27.86
C PRO B 84 2.26 17.50 -29.14
N GLU B 85 2.72 16.97 -30.27
CA GLU B 85 2.80 17.76 -31.50
C GLU B 85 1.47 18.13 -32.13
N ASP B 86 0.57 17.16 -32.21
CA ASP B 86 -0.75 17.44 -32.80
C ASP B 86 -1.34 18.71 -32.18
N LEU B 87 -1.11 18.89 -30.88
CA LEU B 87 -1.60 20.07 -30.15
C LEU B 87 -0.78 21.34 -30.35
N ILE B 88 0.54 21.22 -30.40
CA ILE B 88 1.43 22.36 -30.65
C ILE B 88 1.09 22.98 -32.02
N GLN B 89 1.03 22.11 -33.03
CA GLN B 89 0.61 22.48 -34.39
C GLN B 89 -0.69 23.31 -34.47
N ALA B 90 -1.61 23.07 -33.54
CA ALA B 90 -2.93 23.71 -33.58
C ALA B 90 -3.09 24.94 -32.67
N LEU B 91 -1.97 25.44 -32.16
CA LEU B 91 -1.99 26.45 -31.07
C LEU B 91 -2.87 27.69 -31.29
N GLU B 92 -2.57 28.47 -32.31
CA GLU B 92 -3.25 29.74 -32.57
C GLU B 92 -2.37 30.80 -31.92
N PRO B 93 -1.85 31.73 -32.73
CA PRO B 93 -0.82 32.68 -32.28
C PRO B 93 -1.25 33.56 -31.09
N GLY B 94 -0.29 33.89 -30.23
CA GLY B 94 -0.55 34.68 -29.02
C GLY B 94 -1.01 33.86 -27.82
N ALA B 95 -1.42 32.62 -28.04
CA ALA B 95 -1.93 31.74 -26.98
C ALA B 95 -0.84 31.24 -26.01
N ILE B 96 -1.25 30.99 -24.78
CA ILE B 96 -0.32 30.59 -23.71
C ILE B 96 -0.51 29.11 -23.30
N VAL B 97 0.62 28.40 -23.25
CA VAL B 97 0.64 27.04 -22.74
C VAL B 97 1.08 27.11 -21.28
N VAL B 98 0.31 26.44 -20.42
CA VAL B 98 0.60 26.38 -19.00
C VAL B 98 0.56 24.93 -18.55
N GLY B 99 1.68 24.46 -18.00
CA GLY B 99 1.80 23.09 -17.51
C GLY B 99 3.22 22.71 -17.16
N PHE B 100 3.43 21.44 -16.85
CA PHE B 100 4.79 20.95 -16.68
C PHE B 100 5.43 20.85 -18.07
N VAL B 101 6.70 21.25 -18.14
CA VAL B 101 7.43 21.24 -19.41
C VAL B 101 8.61 20.28 -19.35
N GLN B 102 9.47 20.46 -18.36
CA GLN B 102 10.64 19.58 -18.12
C GLN B 102 11.41 19.31 -19.42
N PRO B 103 12.13 20.31 -19.93
CA PRO B 103 12.83 20.21 -21.22
C PRO B 103 13.78 19.00 -21.32
N HIS B 104 14.49 18.72 -20.22
CA HIS B 104 15.36 17.54 -20.15
C HIS B 104 14.63 16.22 -20.49
N LYS B 105 13.33 16.13 -20.18
CA LYS B 105 12.53 14.91 -20.52
C LYS B 105 11.84 14.99 -21.88
N ASN B 106 11.62 16.19 -22.37
CA ASN B 106 10.81 16.42 -23.56
C ASN B 106 11.42 17.41 -24.57
N LEU B 107 12.72 17.29 -24.79
CA LEU B 107 13.48 18.23 -25.63
C LEU B 107 12.81 18.47 -26.97
N GLU B 108 12.52 17.36 -27.66
CA GLU B 108 11.88 17.40 -28.98
C GLU B 108 10.62 18.29 -28.96
N LEU B 109 9.73 18.04 -28.01
CA LEU B 109 8.50 18.83 -27.89
C LEU B 109 8.76 20.30 -27.55
N VAL B 110 9.84 20.57 -26.82
CA VAL B 110 10.26 21.95 -26.50
C VAL B 110 10.77 22.65 -27.76
N ARG B 111 11.49 21.90 -28.59
CA ARG B 111 12.02 22.40 -29.87
C ARG B 111 10.87 22.71 -30.84
N ALA B 112 9.87 21.83 -30.86
CA ALA B 112 8.66 22.04 -31.66
C ALA B 112 7.84 23.25 -31.19
N LEU B 113 7.95 23.57 -29.91
CA LEU B 113 7.17 24.66 -29.32
C LEU B 113 7.74 26.00 -29.69
N GLN B 114 9.06 26.10 -29.68
CA GLN B 114 9.71 27.32 -30.12
C GLN B 114 9.64 27.50 -31.64
N ALA B 115 9.76 26.39 -32.39
CA ALA B 115 9.61 26.44 -33.86
C ALA B 115 8.25 27.03 -34.25
N LYS B 116 7.21 26.63 -33.53
CA LYS B 116 5.85 27.16 -33.73
C LYS B 116 5.68 28.52 -33.02
N LYS B 117 6.80 29.10 -32.58
CA LYS B 117 6.82 30.40 -31.87
C LYS B 117 5.81 30.56 -30.71
N ALA B 118 5.65 29.50 -29.92
CA ALA B 118 4.64 29.49 -28.84
C ALA B 118 5.09 30.20 -27.56
N THR B 119 4.12 30.54 -26.72
CA THR B 119 4.39 31.07 -25.38
C THR B 119 3.95 30.07 -24.28
N VAL B 120 4.85 29.81 -23.33
CA VAL B 120 4.63 28.77 -22.31
C VAL B 120 5.12 29.17 -20.92
N ILE B 121 4.22 29.06 -19.96
CA ILE B 121 4.58 29.16 -18.56
C ILE B 121 4.84 27.73 -18.05
N ALA B 122 6.06 27.49 -17.59
CA ALA B 122 6.48 26.15 -17.13
C ALA B 122 6.22 25.99 -15.65
N MET B 123 5.40 25.01 -15.30
CA MET B 123 4.97 24.82 -13.89
C MET B 123 6.10 24.52 -12.88
N GLU B 124 7.12 23.79 -13.31
CA GLU B 124 8.28 23.50 -12.44
C GLU B 124 9.09 24.77 -12.16
N LEU B 125 8.79 25.84 -12.91
CA LEU B 125 9.52 27.10 -12.72
C LEU B 125 8.86 28.12 -11.78
N ILE B 126 7.70 27.78 -11.22
CA ILE B 126 7.08 28.64 -10.24
C ILE B 126 8.09 28.92 -9.13
N PRO B 127 8.32 30.20 -8.84
CA PRO B 127 9.31 30.57 -7.81
C PRO B 127 8.85 30.12 -6.41
N ARG B 128 9.79 29.73 -5.54
CA ARG B 128 9.50 29.49 -4.12
C ARG B 128 9.43 30.79 -3.30
N ILE B 129 8.44 31.63 -3.56
CA ILE B 129 8.12 32.79 -2.68
C ILE B 129 6.79 32.52 -2.00
N THR B 130 6.53 33.18 -0.88
CA THR B 130 5.33 32.85 -0.05
C THR B 130 3.98 33.14 -0.77
N ARG B 131 3.99 34.16 -1.61
CA ARG B 131 2.83 34.58 -2.39
C ARG B 131 2.50 33.56 -3.49
N ALA B 132 3.48 32.74 -3.86
CA ALA B 132 3.29 31.74 -4.92
C ALA B 132 3.05 30.33 -4.38
N GLN B 133 2.90 30.22 -3.07
CA GLN B 133 2.67 28.91 -2.44
C GLN B 133 1.48 28.14 -3.01
N SER B 134 0.33 28.80 -3.11
CA SER B 134 -0.89 28.14 -3.60
C SER B 134 -0.82 27.76 -5.08
N MET B 135 0.23 28.25 -5.73
CA MET B 135 0.45 27.96 -7.15
C MET B 135 1.48 26.88 -7.40
N ASP B 136 2.10 26.39 -6.33
CA ASP B 136 3.24 25.47 -6.44
C ASP B 136 2.87 24.04 -6.73
N ALA B 137 2.90 23.68 -8.00
CA ALA B 137 2.54 22.36 -8.41
C ALA B 137 3.61 21.30 -8.12
N LEU B 138 4.88 21.66 -8.05
CA LEU B 138 5.93 20.73 -7.60
C LEU B 138 5.64 20.25 -6.17
N SER B 139 5.31 21.20 -5.30
CA SER B 139 5.01 20.90 -3.93
C SER B 139 3.74 20.05 -3.75
N SER B 140 2.62 20.45 -4.36
CA SER B 140 1.38 19.67 -4.26
C SER B 140 1.57 18.25 -4.80
N GLN B 141 2.28 18.11 -5.91
CA GLN B 141 2.56 16.77 -6.46
C GLN B 141 3.56 16.00 -5.57
N ALA B 142 4.46 16.71 -4.90
CA ALA B 142 5.42 16.04 -4.01
C ALA B 142 4.71 15.44 -2.78
N THR B 143 3.74 16.18 -2.24
CA THR B 143 2.89 15.64 -1.18
C THR B 143 2.21 14.34 -1.58
N VAL B 144 1.70 14.28 -2.80
CA VAL B 144 1.09 13.04 -3.27
C VAL B 144 2.17 11.95 -3.27
N ALA B 145 3.32 12.29 -3.83
CA ALA B 145 4.40 11.31 -3.99
C ALA B 145 4.85 10.73 -2.61
N GLY B 146 5.13 11.63 -1.66
CA GLY B 146 5.43 11.27 -0.29
C GLY B 146 4.48 10.31 0.41
N TYR B 147 3.19 10.63 0.36
CA TYR B 147 2.13 9.76 0.92
C TYR B 147 2.18 8.38 0.34
N LEU B 148 2.20 8.27 -0.99
CA LEU B 148 2.29 6.97 -1.65
C LEU B 148 3.64 6.22 -1.44
N ALA B 149 4.73 6.97 -1.31
CA ALA B 149 5.99 6.38 -1.00
C ALA B 149 5.83 5.50 0.29
N ALA B 150 5.13 6.04 1.29
CA ALA B 150 5.01 5.40 2.60
C ALA B 150 4.05 4.22 2.51
N ILE B 151 2.94 4.44 1.82
CA ILE B 151 1.97 3.36 1.56
C ILE B 151 2.62 2.21 0.83
N HIS B 152 3.37 2.51 -0.23
CA HIS B 152 4.13 1.44 -0.92
C HIS B 152 5.20 0.81 -0.01
N ALA B 153 5.83 1.61 0.85
CA ALA B 153 6.84 1.07 1.74
C ALA B 153 6.13 0.04 2.58
N ALA B 154 4.97 0.36 3.15
CA ALA B 154 4.18 -0.63 3.91
C ALA B 154 3.70 -1.82 3.12
N ARG B 155 3.21 -1.60 1.91
CA ARG B 155 2.82 -2.73 1.03
CA ARG B 155 2.82 -2.76 1.03
C ARG B 155 4.00 -3.70 0.85
N LEU B 156 5.19 -3.15 0.62
CA LEU B 156 6.39 -3.97 0.33
C LEU B 156 7.12 -4.61 1.51
N SER B 157 7.04 -3.98 2.69
CA SER B 157 7.69 -4.53 3.84
C SER B 157 7.01 -5.83 4.31
N PRO B 158 7.79 -6.84 4.66
CA PRO B 158 7.23 -8.10 5.18
C PRO B 158 6.98 -8.06 6.71
N ARG B 159 7.09 -6.89 7.31
CA ARG B 159 6.78 -6.69 8.70
C ARG B 159 5.73 -5.58 8.89
N PHE B 160 4.99 -5.64 10.00
CA PHE B 160 4.16 -4.55 10.47
C PHE B 160 4.94 -3.29 10.63
N PHE B 161 4.36 -2.16 10.19
CA PHE B 161 4.81 -0.85 10.61
C PHE B 161 4.51 -0.54 12.11
N PRO B 162 3.28 -0.76 12.61
CA PRO B 162 2.96 -0.36 13.98
C PRO B 162 3.41 -1.41 15.00
N MET B 163 3.67 -0.97 16.23
CA MET B 163 3.85 -1.89 17.34
C MET B 163 2.48 -2.48 17.66
N LEU B 164 2.45 -3.73 18.10
CA LEU B 164 1.23 -4.49 18.11
C LEU B 164 1.32 -5.49 19.24
N THR B 165 0.21 -5.63 19.95
CA THR B 165 0.05 -6.68 20.93
C THR B 165 -1.22 -7.53 20.69
N THR B 166 -1.03 -8.85 20.66
CA THR B 166 -2.14 -9.79 20.70
C THR B 166 -1.78 -10.82 21.75
N ALA B 167 -2.64 -11.82 21.92
CA ALA B 167 -2.39 -12.89 22.85
C ALA B 167 -1.16 -13.69 22.43
N ALA B 168 -0.71 -13.50 21.19
CA ALA B 168 0.45 -14.21 20.68
C ALA B 168 1.78 -13.47 20.98
N GLY B 169 1.69 -12.31 21.61
CA GLY B 169 2.88 -11.54 21.97
C GLY B 169 2.83 -10.09 21.51
N THR B 170 3.96 -9.42 21.57
CA THR B 170 4.06 -8.04 21.23
C THR B 170 5.11 -7.97 20.12
N ILE B 171 4.93 -7.02 19.20
CA ILE B 171 5.81 -6.88 18.06
C ILE B 171 6.28 -5.46 18.03
N ARG B 172 7.59 -5.24 17.84
CA ARG B 172 8.16 -3.91 17.71
C ARG B 172 7.65 -3.16 16.46
N PRO B 173 7.58 -1.83 16.53
CA PRO B 173 7.21 -1.05 15.36
C PRO B 173 8.37 -1.11 14.36
N ALA B 174 8.10 -0.79 13.11
CA ALA B 174 9.12 -0.89 12.10
C ALA B 174 10.00 0.35 12.23
N LYS B 175 11.21 0.29 11.67
CA LYS B 175 12.12 1.45 11.77
C LYS B 175 12.26 1.99 10.38
N VAL B 176 11.78 3.21 10.17
CA VAL B 176 11.73 3.80 8.83
C VAL B 176 12.62 5.05 8.76
N MET B 177 13.51 5.12 7.80
CA MET B 177 14.31 6.36 7.59
C MET B 177 13.90 7.08 6.30
N VAL B 178 13.59 8.37 6.40
CA VAL B 178 13.31 9.14 5.23
C VAL B 178 14.56 10.00 4.98
N MET B 179 15.15 9.90 3.79
CA MET B 179 16.38 10.63 3.45
C MET B 179 16.06 11.64 2.35
N GLY B 180 16.25 12.92 2.66
CA GLY B 180 15.72 14.00 1.80
C GLY B 180 14.41 14.44 2.44
N VAL B 181 14.47 15.50 3.26
CA VAL B 181 13.30 15.98 3.95
C VAL B 181 12.77 17.31 3.32
N GLY B 182 12.41 17.26 2.04
CA GLY B 182 11.65 18.34 1.44
C GLY B 182 10.17 17.96 1.56
N VAL B 183 9.35 18.49 0.65
CA VAL B 183 7.92 18.33 0.70
C VAL B 183 7.50 16.85 0.65
N ALA B 184 8.05 16.08 -0.29
CA ALA B 184 7.73 14.64 -0.36
C ALA B 184 8.12 13.93 0.94
N GLY B 185 9.32 14.21 1.42
CA GLY B 185 9.86 13.55 2.64
C GLY B 185 9.01 13.81 3.87
N LEU B 186 8.48 15.02 3.98
CA LEU B 186 7.67 15.43 5.12
C LEU B 186 6.37 14.62 5.16
N MET B 187 5.78 14.44 3.98
CA MET B 187 4.58 13.66 3.85
C MET B 187 4.83 12.17 4.08
N ALA B 188 5.94 11.64 3.58
CA ALA B 188 6.37 10.26 3.93
C ALA B 188 6.50 10.09 5.45
N ILE B 189 7.11 11.07 6.10
CA ILE B 189 7.20 11.08 7.54
C ILE B 189 5.82 11.04 8.20
N ALA B 190 4.99 12.04 7.89
CA ALA B 190 3.68 12.11 8.50
C ALA B 190 2.92 10.77 8.35
N THR B 191 3.03 10.14 7.17
CA THR B 191 2.30 8.92 6.86
C THR B 191 2.91 7.67 7.51
N ALA B 192 4.24 7.55 7.49
CA ALA B 192 4.88 6.44 8.25
C ALA B 192 4.59 6.57 9.74
N LYS B 193 4.64 7.81 10.24
CA LYS B 193 4.25 8.10 11.63
C LYS B 193 2.78 7.65 11.98
N ARG B 194 1.80 8.11 11.21
CA ARG B 194 0.41 7.70 11.42
C ARG B 194 0.31 6.17 11.52
N LEU B 195 1.08 5.46 10.67
CA LEU B 195 1.05 4.01 10.63
C LEU B 195 1.76 3.39 11.81
N GLY B 196 2.40 4.24 12.64
CA GLY B 196 2.97 3.79 13.93
C GLY B 196 4.41 3.31 13.85
N ALA B 197 5.07 3.59 12.73
CA ALA B 197 6.48 3.29 12.61
C ALA B 197 7.28 4.26 13.50
N GLN B 198 8.44 3.78 13.97
CA GLN B 198 9.50 4.64 14.51
C GLN B 198 10.17 5.26 13.28
N VAL B 199 10.09 6.58 13.17
CA VAL B 199 10.53 7.20 11.97
C VAL B 199 11.76 8.07 12.23
N PHE B 200 12.75 7.97 11.34
CA PHE B 200 13.95 8.81 11.45
C PHE B 200 14.13 9.66 10.21
N ALA B 201 14.80 10.80 10.35
CA ALA B 201 14.92 11.77 9.25
C ALA B 201 16.36 12.22 8.97
N TYR B 202 16.75 12.13 7.70
CA TYR B 202 18.05 12.53 7.29
C TYR B 202 18.05 13.67 6.24
N ASP B 203 18.68 14.80 6.58
CA ASP B 203 18.76 15.96 5.65
C ASP B 203 19.91 16.87 6.11
N VAL B 204 20.73 17.32 5.17
CA VAL B 204 21.92 18.13 5.50
C VAL B 204 21.56 19.51 6.07
N ARG B 205 20.29 19.89 5.97
CA ARG B 205 19.83 21.19 6.44
C ARG B 205 19.10 21.03 7.77
N LYS B 206 19.42 21.91 8.72
CA LYS B 206 18.80 21.89 10.06
C LYS B 206 17.31 22.30 10.11
N ALA B 207 16.94 23.33 9.34
CA ALA B 207 15.55 23.77 9.26
C ALA B 207 14.63 22.64 8.79
N ALA B 208 15.10 21.83 7.85
CA ALA B 208 14.36 20.69 7.35
C ALA B 208 14.23 19.64 8.41
N LEU B 209 15.31 19.38 9.13
CA LEU B 209 15.28 18.50 10.29
C LEU B 209 14.36 19.01 11.40
N GLU B 210 14.30 20.32 11.56
CA GLU B 210 13.41 20.94 12.53
C GLU B 210 11.94 20.60 12.16
N GLN B 211 11.65 20.58 10.86
CA GLN B 211 10.29 20.30 10.40
C GLN B 211 9.93 18.82 10.62
N ALA B 212 10.89 17.94 10.35
CA ALA B 212 10.76 16.54 10.71
C ALA B 212 10.45 16.27 12.19
N LEU B 213 11.19 16.94 13.08
CA LEU B 213 11.02 16.74 14.54
C LEU B 213 9.59 17.14 14.91
N SER B 214 9.12 18.22 14.31
CA SER B 214 7.80 18.71 14.59
C SER B 214 6.69 17.68 14.24
N LEU B 215 6.99 16.77 13.33
CA LEU B 215 6.02 15.77 12.93
C LEU B 215 6.28 14.48 13.64
N GLY B 216 7.19 14.49 14.60
CA GLY B 216 7.42 13.31 15.42
C GLY B 216 8.55 12.40 15.00
N ALA B 217 9.32 12.80 13.98
CA ALA B 217 10.45 12.02 13.50
C ALA B 217 11.70 12.37 14.29
N LYS B 218 12.47 11.36 14.68
CA LYS B 218 13.81 11.53 15.24
C LYS B 218 14.88 11.92 14.16
N PRO B 219 15.50 13.08 14.29
CA PRO B 219 16.64 13.45 13.39
C PRO B 219 17.86 12.54 13.54
N ILE B 220 18.45 12.16 12.42
CA ILE B 220 19.68 11.41 12.43
C ILE B 220 20.77 12.47 12.72
N GLU B 221 21.52 12.28 13.81
CA GLU B 221 22.61 13.20 14.13
C GLU B 221 23.99 12.65 13.77
N LEU B 222 24.63 13.34 12.83
CA LEU B 222 25.96 12.97 12.34
C LEU B 222 27.06 13.73 13.11
N PRO B 223 28.30 13.20 13.14
CA PRO B 223 29.39 13.85 13.89
C PRO B 223 29.59 15.34 13.56
N ILE B 224 29.61 15.69 12.28
CA ILE B 224 29.51 17.11 11.90
C ILE B 224 28.04 17.51 11.72
N SER B 225 27.64 18.57 12.42
CA SER B 225 26.22 18.95 12.53
C SER B 225 25.59 19.74 11.37
N ALA B 226 24.29 19.57 11.20
CA ALA B 226 23.54 20.19 10.09
C ALA B 226 23.64 21.72 10.07
N GLU B 227 23.63 22.29 8.86
CA GLU B 227 23.70 23.75 8.69
C GLU B 227 22.37 24.47 8.97
N GLU B 235 32.36 23.41 1.56
CA GLU B 235 33.28 23.71 2.69
C GLU B 235 33.55 22.48 3.57
N LEU B 236 33.52 21.29 2.96
CA LEU B 236 33.71 20.04 3.70
C LEU B 236 34.83 19.21 3.11
N THR B 237 35.77 18.77 3.94
CA THR B 237 36.94 18.05 3.45
C THR B 237 36.68 16.57 3.18
N GLU B 238 37.58 15.97 2.42
CA GLU B 238 37.48 14.58 2.07
C GLU B 238 37.48 13.69 3.32
N GLU B 239 38.30 14.08 4.30
CA GLU B 239 38.37 13.39 5.58
C GLU B 239 37.05 13.47 6.37
N GLU B 240 36.49 14.67 6.44
CA GLU B 240 35.24 14.91 7.12
C GLU B 240 34.09 14.14 6.43
N LYS B 241 34.18 13.97 5.11
CA LYS B 241 33.18 13.23 4.34
C LYS B 241 33.14 11.78 4.79
N ARG B 242 34.32 11.21 5.00
CA ARG B 242 34.44 9.82 5.43
C ARG B 242 33.72 9.50 6.74
N ILE B 243 33.87 10.37 7.73
CA ILE B 243 33.20 10.13 9.00
C ILE B 243 31.67 10.34 8.91
N GLN B 244 31.20 11.27 8.09
CA GLN B 244 29.73 11.42 7.90
C GLN B 244 29.24 10.12 7.29
N HIS B 245 29.88 9.72 6.21
CA HIS B 245 29.49 8.54 5.49
C HIS B 245 29.45 7.31 6.38
N GLU B 246 30.49 7.09 7.17
CA GLU B 246 30.54 5.89 8.00
C GLU B 246 29.48 5.91 9.12
N ALA B 247 29.15 7.09 9.62
CA ALA B 247 28.18 7.21 10.68
C ALA B 247 26.75 6.92 10.10
N LEU B 248 26.41 7.62 9.02
CA LEU B 248 25.15 7.44 8.30
C LEU B 248 24.94 5.99 7.91
N ARG B 249 26.01 5.36 7.45
CA ARG B 249 25.97 3.94 7.06
C ARG B 249 25.55 3.07 8.24
N ASP B 250 26.12 3.35 9.42
CA ASP B 250 25.68 2.64 10.64
C ASP B 250 24.16 2.85 10.91
N HIS B 251 23.70 4.08 10.74
CA HIS B 251 22.30 4.39 10.89
C HIS B 251 21.42 3.62 9.88
N VAL B 252 21.77 3.70 8.60
CA VAL B 252 21.03 3.01 7.54
C VAL B 252 20.90 1.49 7.76
N ALA B 253 22.00 0.88 8.19
CA ALA B 253 22.02 -0.55 8.48
C ALA B 253 20.99 -0.97 9.51
N GLY B 254 20.65 -0.08 10.45
CA GLY B 254 19.67 -0.43 11.46
C GLY B 254 18.21 -0.30 11.02
N MET B 255 17.96 0.21 9.80
CA MET B 255 16.61 0.46 9.29
C MET B 255 15.85 -0.71 8.64
N ASP B 256 14.53 -0.76 8.84
CA ASP B 256 13.66 -1.71 8.12
C ASP B 256 13.20 -1.12 6.77
N VAL B 257 13.06 0.21 6.73
CA VAL B 257 12.76 0.83 5.47
C VAL B 257 13.51 2.13 5.19
N LEU B 258 13.95 2.29 3.95
CA LEU B 258 14.49 3.57 3.49
C LEU B 258 13.61 4.21 2.40
N ILE B 259 13.18 5.44 2.63
CA ILE B 259 12.49 6.17 1.59
C ILE B 259 13.40 7.32 1.22
N THR B 260 13.83 7.35 -0.04
CA THR B 260 14.74 8.42 -0.47
C THR B 260 14.07 9.35 -1.47
N THR B 261 14.24 10.64 -1.28
CA THR B 261 13.48 11.60 -2.05
C THR B 261 14.32 12.70 -2.67
N ALA B 262 15.64 12.60 -2.58
CA ALA B 262 16.51 13.74 -2.94
C ALA B 262 16.71 13.92 -4.43
N GLN B 263 16.18 15.04 -4.93
CA GLN B 263 16.30 15.37 -6.34
C GLN B 263 16.88 16.76 -6.51
N VAL B 264 17.58 16.99 -7.60
CA VAL B 264 18.12 18.34 -7.92
C VAL B 264 17.76 18.63 -9.39
N PRO B 265 17.06 19.75 -9.64
CA PRO B 265 16.56 20.05 -11.02
C PRO B 265 17.65 19.98 -12.10
N GLY B 266 17.36 19.27 -13.19
CA GLY B 266 18.29 19.13 -14.33
C GLY B 266 19.68 18.63 -13.96
N ARG B 267 19.71 17.58 -13.12
CA ARG B 267 20.95 16.87 -12.80
C ARG B 267 20.60 15.40 -12.52
N ARG B 268 21.61 14.54 -12.47
CA ARG B 268 21.44 13.18 -11.94
C ARG B 268 21.15 13.32 -10.46
N ALA B 269 20.30 12.44 -9.94
CA ALA B 269 20.02 12.38 -8.52
C ALA B 269 21.29 11.94 -7.74
N PRO B 270 21.54 12.57 -6.58
CA PRO B 270 22.68 12.17 -5.74
C PRO B 270 22.51 10.74 -5.23
N ILE B 271 23.60 10.01 -5.13
CA ILE B 271 23.56 8.66 -4.59
C ILE B 271 23.63 8.82 -3.09
N LEU B 272 22.59 8.38 -2.39
CA LEU B 272 22.54 8.50 -0.94
C LEU B 272 22.61 7.11 -0.36
N LEU B 273 22.32 6.11 -1.18
CA LEU B 273 22.43 4.74 -0.74
C LEU B 273 23.48 4.12 -1.63
N THR B 274 24.70 4.16 -1.10
CA THR B 274 25.87 3.68 -1.75
C THR B 274 25.93 2.15 -1.74
N GLU B 275 26.73 1.59 -2.64
CA GLU B 275 26.92 0.14 -2.71
C GLU B 275 27.40 -0.53 -1.42
N ASP B 276 28.35 0.09 -0.72
CA ASP B 276 28.72 -0.37 0.64
C ASP B 276 27.59 -0.21 1.69
N MET B 277 26.70 0.77 1.47
CA MET B 277 25.59 1.00 2.40
C MET B 277 24.55 -0.09 2.20
N VAL B 278 24.31 -0.40 0.94
CA VAL B 278 23.33 -1.40 0.54
C VAL B 278 23.78 -2.78 1.04
N GLU B 279 25.08 -3.03 1.02
CA GLU B 279 25.66 -4.30 1.48
C GLU B 279 25.38 -4.61 2.94
N ARG B 280 25.16 -3.57 3.73
CA ARG B 280 24.87 -3.73 5.13
C ARG B 280 23.37 -3.83 5.52
N LEU B 281 22.47 -3.67 4.56
CA LEU B 281 21.01 -3.85 4.80
C LEU B 281 20.64 -5.31 4.96
N LYS B 282 19.92 -5.61 6.02
CA LYS B 282 19.46 -6.96 6.25
C LYS B 282 18.48 -7.41 5.15
N PRO B 283 18.46 -8.70 4.85
CA PRO B 283 17.42 -9.21 3.94
C PRO B 283 16.06 -8.89 4.57
N GLY B 284 15.11 -8.43 3.75
CA GLY B 284 13.78 -8.07 4.22
C GLY B 284 13.57 -6.58 4.26
N THR B 285 14.62 -5.82 3.96
CA THR B 285 14.56 -4.36 3.98
C THR B 285 13.98 -3.86 2.69
N VAL B 286 13.31 -2.71 2.77
CA VAL B 286 12.65 -2.09 1.64
C VAL B 286 13.23 -0.73 1.37
N VAL B 287 13.44 -0.41 0.10
CA VAL B 287 13.87 0.92 -0.31
C VAL B 287 12.83 1.43 -1.29
N VAL B 288 12.21 2.55 -0.98
CA VAL B 288 11.34 3.20 -1.99
C VAL B 288 12.11 4.39 -2.41
N ASP B 289 12.51 4.40 -3.67
CA ASP B 289 13.44 5.38 -4.20
C ASP B 289 12.68 6.35 -5.07
N LEU B 290 12.29 7.47 -4.50
CA LEU B 290 11.48 8.44 -5.20
C LEU B 290 12.26 9.23 -6.18
N ALA B 291 13.56 8.98 -6.27
CA ALA B 291 14.37 9.79 -7.19
C ALA B 291 14.69 9.03 -8.47
N ALA B 292 13.92 7.99 -8.73
CA ALA B 292 14.16 7.13 -9.89
C ALA B 292 14.06 7.93 -11.18
N GLU B 293 13.06 8.80 -11.29
CA GLU B 293 12.87 9.61 -12.52
C GLU B 293 14.14 10.38 -13.00
N SER B 294 15.06 10.64 -12.08
CA SER B 294 16.31 11.34 -12.43
C SER B 294 17.53 10.50 -12.09
N GLY B 295 17.34 9.19 -11.96
CA GLY B 295 18.45 8.29 -11.75
C GLY B 295 18.50 7.48 -10.45
N GLY B 296 17.74 7.88 -9.44
CA GLY B 296 17.65 7.13 -8.19
C GLY B 296 18.69 7.49 -7.12
N ASN B 297 18.26 7.59 -5.87
CA ASN B 297 19.19 7.79 -4.77
C ASN B 297 19.97 6.49 -4.39
N CYS B 298 19.48 5.36 -4.88
CA CYS B 298 20.02 4.08 -4.48
C CYS B 298 20.65 3.36 -5.68
N VAL B 299 21.86 2.83 -5.51
CA VAL B 299 22.57 2.19 -6.64
C VAL B 299 21.81 1.00 -7.20
N LEU B 300 20.96 0.39 -6.37
CA LEU B 300 20.26 -0.81 -6.80
C LEU B 300 19.05 -0.54 -7.70
N THR B 301 18.57 0.70 -7.71
CA THR B 301 17.24 0.92 -8.20
C THR B 301 17.11 0.86 -9.71
N LYS B 302 16.11 0.11 -10.15
CA LYS B 302 15.72 0.07 -11.57
C LYS B 302 14.39 0.83 -11.77
N PRO B 303 14.44 2.01 -12.37
CA PRO B 303 13.25 2.88 -12.49
C PRO B 303 12.03 2.17 -13.05
N GLY B 304 10.89 2.35 -12.39
CA GLY B 304 9.64 1.76 -12.87
C GLY B 304 9.47 0.31 -12.49
N GLU B 305 10.47 -0.29 -11.86
CA GLU B 305 10.41 -1.68 -11.46
C GLU B 305 10.63 -1.89 -9.94
N VAL B 306 10.31 -3.10 -9.49
CA VAL B 306 10.65 -3.55 -8.16
C VAL B 306 11.69 -4.65 -8.33
N VAL B 307 12.90 -4.45 -7.85
CA VAL B 307 13.92 -5.49 -7.86
C VAL B 307 14.21 -5.99 -6.45
N GLU B 308 14.77 -7.19 -6.33
CA GLU B 308 15.15 -7.75 -5.03
C GLU B 308 16.57 -8.38 -5.13
N VAL B 309 17.55 -7.72 -4.51
CA VAL B 309 18.90 -8.25 -4.46
C VAL B 309 19.42 -8.44 -3.03
N ARG B 310 19.98 -9.62 -2.77
CA ARG B 310 20.47 -9.97 -1.42
C ARG B 310 19.32 -9.88 -0.42
N GLY B 311 18.11 -10.11 -0.91
CA GLY B 311 16.89 -9.98 -0.11
C GLY B 311 16.37 -8.56 0.16
N VAL B 312 16.98 -7.55 -0.46
CA VAL B 312 16.57 -6.16 -0.26
C VAL B 312 15.60 -5.76 -1.38
N ARG B 313 14.33 -5.48 -1.07
CA ARG B 313 13.38 -5.10 -2.13
C ARG B 313 13.53 -3.64 -2.40
N VAL B 314 13.80 -3.30 -3.64
CA VAL B 314 14.02 -1.91 -4.03
C VAL B 314 13.07 -1.48 -5.16
N TYR B 315 12.33 -0.40 -4.91
CA TYR B 315 11.25 0.05 -5.82
C TYR B 315 11.49 1.48 -6.25
N GLY B 316 11.52 1.72 -7.55
CA GLY B 316 11.72 3.07 -8.07
C GLY B 316 10.52 3.59 -8.86
N PRO B 317 9.47 4.03 -8.17
CA PRO B 317 8.24 4.45 -8.85
C PRO B 317 8.38 5.67 -9.75
N LEU B 318 7.78 5.60 -10.92
CA LEU B 318 7.66 6.77 -11.77
C LEU B 318 6.18 7.16 -11.74
N ASN B 319 5.88 8.45 -11.70
CA ASN B 319 4.46 8.88 -11.68
C ASN B 319 3.55 8.32 -10.58
N LEU B 320 3.97 8.54 -9.34
CA LEU B 320 3.12 8.32 -8.19
C LEU B 320 1.87 9.21 -8.22
N PRO B 321 2.03 10.47 -8.65
CA PRO B 321 0.89 11.39 -8.69
C PRO B 321 -0.23 10.82 -9.48
N SER B 322 0.09 10.22 -10.61
CA SER B 322 -0.92 9.62 -11.44
C SER B 322 -1.63 8.39 -10.81
N GLU B 323 -1.00 7.73 -9.84
CA GLU B 323 -1.69 6.68 -9.11
C GLU B 323 -2.76 7.30 -8.20
N LEU B 324 -2.48 8.45 -7.61
CA LEU B 324 -3.47 9.15 -6.77
C LEU B 324 -4.27 10.25 -7.60
N SER B 325 -4.84 9.82 -8.72
CA SER B 325 -5.25 10.76 -9.80
C SER B 325 -6.37 11.70 -9.43
N VAL B 326 -7.25 11.25 -8.55
CA VAL B 326 -8.31 12.09 -8.06
C VAL B 326 -7.69 13.29 -7.34
N HIS B 327 -6.93 13.03 -6.28
CA HIS B 327 -6.36 14.14 -5.50
C HIS B 327 -5.16 14.89 -6.14
N ALA B 328 -4.31 14.17 -6.86
CA ALA B 328 -3.25 14.83 -7.59
C ALA B 328 -3.88 15.87 -8.52
N SER B 329 -4.86 15.45 -9.32
CA SER B 329 -5.53 16.40 -10.27
C SER B 329 -6.22 17.56 -9.56
N GLU B 330 -6.87 17.27 -8.43
CA GLU B 330 -7.55 18.32 -7.66
C GLU B 330 -6.61 19.43 -7.18
N MET B 331 -5.50 19.04 -6.56
CA MET B 331 -4.52 20.02 -6.09
C MET B 331 -3.87 20.73 -7.26
N TYR B 332 -3.53 19.98 -8.30
CA TYR B 332 -2.95 20.57 -9.50
C TYR B 332 -3.88 21.59 -10.15
N ALA B 333 -5.16 21.21 -10.25
CA ALA B 333 -6.18 22.09 -10.83
C ALA B 333 -6.27 23.37 -10.01
N LYS B 334 -6.23 23.23 -8.69
CA LYS B 334 -6.31 24.40 -7.84
C LYS B 334 -5.06 25.24 -8.03
N ASN B 335 -3.91 24.58 -8.21
CA ASN B 335 -2.68 25.32 -8.44
C ASN B 335 -2.87 26.18 -9.68
N LEU B 336 -3.30 25.56 -10.77
CA LEU B 336 -3.60 26.28 -12.00
C LEU B 336 -4.64 27.38 -11.76
N TYR B 337 -5.77 27.04 -11.15
CA TYR B 337 -6.75 28.04 -10.80
C TYR B 337 -6.08 29.25 -10.16
N ASN B 338 -5.28 28.99 -9.11
CA ASN B 338 -4.65 30.07 -8.34
C ASN B 338 -3.70 30.91 -9.18
N LEU B 339 -3.06 30.27 -10.15
CA LEU B 339 -2.16 30.96 -11.07
C LEU B 339 -2.99 31.87 -12.01
N SER B 340 -4.25 31.49 -12.22
CA SER B 340 -5.18 32.28 -13.05
C SER B 340 -5.27 33.73 -12.66
N SER B 341 -5.44 34.00 -11.37
CA SER B 341 -5.49 35.37 -10.86
C SER B 341 -4.46 36.33 -11.52
N LEU B 342 -3.49 35.74 -12.22
CA LEU B 342 -2.44 36.49 -12.92
C LEU B 342 -2.53 36.29 -14.43
N LEU B 343 -3.47 35.47 -14.86
CA LEU B 343 -3.66 35.21 -16.28
C LEU B 343 -4.97 35.79 -16.80
N ILE B 344 -5.89 36.07 -15.88
CA ILE B 344 -7.27 36.33 -16.21
C ILE B 344 -7.84 37.43 -15.31
N GLU B 345 -8.41 38.44 -15.97
CA GLU B 345 -9.05 39.57 -15.31
C GLU B 345 -10.52 39.63 -15.75
N LYS B 346 -11.43 39.63 -14.77
CA LYS B 346 -12.85 39.73 -15.07
C LYS B 346 -13.33 38.84 -16.25
N GLY B 347 -12.74 37.67 -16.40
CA GLY B 347 -13.13 36.75 -17.46
C GLY B 347 -12.41 36.97 -18.77
N ALA B 348 -11.52 37.96 -18.80
CA ALA B 348 -10.75 38.30 -20.02
C ALA B 348 -9.28 37.89 -19.93
N PHE B 349 -8.71 37.54 -21.08
CA PHE B 349 -7.30 37.18 -21.19
C PHE B 349 -6.35 38.36 -20.89
N ALA B 350 -5.88 38.46 -19.65
CA ALA B 350 -4.98 39.55 -19.24
C ALA B 350 -3.70 39.08 -18.52
N PRO B 351 -2.72 38.60 -19.30
CA PRO B 351 -1.42 38.16 -18.75
C PRO B 351 -0.67 39.30 -18.04
N LYS B 352 -0.37 39.12 -16.75
CA LYS B 352 0.44 40.08 -16.01
C LYS B 352 1.93 39.82 -16.19
N TRP B 353 2.45 40.08 -17.40
CA TRP B 353 3.86 39.83 -17.74
C TRP B 353 4.92 40.36 -16.77
N GLU B 354 4.59 41.44 -16.08
CA GLU B 354 5.53 42.10 -15.15
C GLU B 354 5.57 41.50 -13.75
N ASP B 355 4.76 40.46 -13.52
CA ASP B 355 4.73 39.77 -12.23
C ASP B 355 5.94 38.86 -12.05
N GLU B 356 6.61 38.98 -10.90
CA GLU B 356 7.77 38.13 -10.60
C GLU B 356 7.49 36.64 -10.87
N ILE B 357 6.31 36.19 -10.48
CA ILE B 357 5.92 34.79 -10.66
C ILE B 357 5.92 34.47 -12.16
N VAL B 358 5.33 35.37 -12.94
CA VAL B 358 5.21 35.16 -14.39
C VAL B 358 6.57 35.25 -15.07
N ARG B 359 7.39 36.20 -14.64
CA ARG B 359 8.72 36.40 -15.19
C ARG B 359 9.64 35.23 -14.81
N ALA B 360 9.43 34.67 -13.62
CA ALA B 360 10.19 33.49 -13.18
C ALA B 360 9.80 32.24 -13.93
N ALA B 361 8.53 32.17 -14.34
CA ALA B 361 7.97 30.93 -14.88
C ALA B 361 7.75 30.98 -16.38
N LEU B 362 7.80 32.18 -16.96
CA LEU B 362 7.68 32.31 -18.42
C LEU B 362 8.95 31.76 -19.08
N LEU B 363 8.81 30.56 -19.64
CA LEU B 363 9.93 29.86 -20.24
C LEU B 363 10.21 30.37 -21.65
N MET B 364 9.16 30.68 -22.39
CA MET B 364 9.32 31.25 -23.73
C MET B 364 8.17 32.18 -24.10
N LYS B 365 8.51 33.23 -24.86
CA LYS B 365 7.52 34.17 -25.39
C LYS B 365 7.69 34.21 -26.90
N GLU B 366 6.58 34.10 -27.62
CA GLU B 366 6.58 34.11 -29.08
C GLU B 366 7.84 33.43 -29.65
N GLY B 367 8.13 32.24 -29.15
CA GLY B 367 9.23 31.43 -29.69
C GLY B 367 10.59 31.71 -29.08
N GLU B 368 10.72 32.83 -28.37
CA GLU B 368 11.98 33.21 -27.73
C GLU B 368 12.15 32.53 -26.38
N VAL B 369 13.17 31.67 -26.27
CA VAL B 369 13.45 30.97 -25.01
C VAL B 369 14.13 31.93 -24.02
N LEU B 370 13.48 32.16 -22.87
CA LEU B 370 13.93 33.18 -21.92
C LEU B 370 14.45 32.66 -20.59
N HIS B 371 14.84 31.39 -20.56
CA HIS B 371 15.33 30.75 -19.34
C HIS B 371 16.58 29.95 -19.73
N GLY B 372 17.73 30.39 -19.20
CA GLY B 372 19.05 29.88 -19.59
C GLY B 372 19.25 28.41 -19.88
N PRO B 373 19.17 27.55 -18.86
CA PRO B 373 19.51 26.13 -19.04
C PRO B 373 18.80 25.49 -20.24
N THR B 374 17.60 26.00 -20.52
CA THR B 374 16.77 25.50 -21.61
C THR B 374 17.31 26.02 -22.96
N LYS B 375 17.73 27.29 -22.97
CA LYS B 375 18.48 27.84 -24.13
C LYS B 375 19.71 26.97 -24.43
N ALA B 376 20.50 26.70 -23.39
CA ALA B 376 21.75 25.92 -23.51
C ALA B 376 21.57 24.51 -24.06
N LEU B 377 20.63 23.75 -23.48
CA LEU B 377 20.34 22.39 -23.91
C LEU B 377 19.85 22.29 -25.34
N LEU B 378 19.33 23.40 -25.83
CA LEU B 378 18.57 23.44 -27.06
C LEU B 378 19.48 23.84 -28.21
C1 GOL C . -7.03 -4.76 17.10
O1 GOL C . -6.14 -3.66 17.07
C2 GOL C . -6.28 -6.01 16.65
O2 GOL C . -5.36 -6.38 17.68
C3 GOL C . -7.25 -7.14 16.29
O3 GOL C . -6.91 -7.84 15.09
C1 GOL D . -27.19 -2.57 12.29
O1 GOL D . -27.56 -2.44 13.66
C2 GOL D . -26.28 -3.79 12.11
O2 GOL D . -27.05 -4.85 11.58
C3 GOL D . -25.14 -3.48 11.12
O3 GOL D . -24.17 -2.53 11.56
C1 GOL E . -3.64 -12.96 -4.19
O1 GOL E . -2.82 -13.76 -5.04
C2 GOL E . -2.88 -11.64 -4.12
O2 GOL E . -2.46 -11.38 -5.47
C3 GOL E . -1.68 -11.85 -3.15
O3 GOL E . -2.13 -11.78 -1.75
C1 GOL F . -4.23 -20.20 6.60
O1 GOL F . -3.53 -20.60 5.40
C2 GOL F . -4.34 -18.66 6.58
O2 GOL F . -3.03 -18.20 6.76
C3 GOL F . -5.10 -18.14 7.79
O3 GOL F . -6.21 -19.03 7.88
C1 GOL G . -24.25 -1.05 19.04
O1 GOL G . -24.95 -1.29 17.80
C2 GOL G . -24.32 0.46 19.18
O2 GOL G . -24.40 0.97 17.84
C3 GOL G . -23.03 1.03 19.80
O3 GOL G . -23.15 2.45 19.61
C1 GOL H . 3.08 17.67 5.94
O1 GOL H . 2.01 16.98 6.57
C2 GOL H . 2.69 17.87 4.48
O2 GOL H . 1.56 18.73 4.40
C3 GOL H . 3.90 18.34 3.63
O3 GOL H . 4.10 17.54 2.47
C1 GOL I . 21.15 15.35 9.32
O1 GOL I . 20.63 14.04 9.40
C2 GOL I . 22.64 15.41 9.66
O2 GOL I . 23.30 16.08 8.61
C3 GOL I . 22.80 16.13 11.00
O3 GOL I . 24.09 16.70 11.15
#